data_2UYI
#
_entry.id   2UYI
#
_cell.length_a   69.535
_cell.length_b   80.139
_cell.length_c   159.036
_cell.angle_alpha   90.00
_cell.angle_beta   90.00
_cell.angle_gamma   90.00
#
_symmetry.space_group_name_H-M   'P 21 21 21'
#
loop_
_entity.id
_entity.type
_entity.pdbx_description
1 polymer 'KINESIN-LIKE PROTEIN KIF11'
2 non-polymer "ADENOSINE-5'-DIPHOSPHATE"
3 non-polymer 'MAGNESIUM ION'
4 non-polymer (5R)-N,N-DIETHYL-5-METHYL-2-[(THIOPHEN-2-YLCARBONYL)AMINO]-4,5,6,7-TETRAHYDRO-1-BENZOTHIOPHENE-3-CARBOXAMIDE
5 water water
#
_entity_poly.entity_id   1
_entity_poly.type   'polypeptide(L)'
_entity_poly.pdbx_seq_one_letter_code
;MASQPNSSAKKKEEKGKNIQVVVRCRPFNLAERKASAHSIVECDPVRKEVSVRTGGLADKSSRKTYTFDMVFGASTKQID
VYRSVVCPILDEVIMGYNCTIFAYGQTGTGKTFTMEGERSPNEEYTWEEDPLAGIIPRTLHQIFEKLTDNGTEFSVKVSL
LEIYNEELFDLLNPSSDVSERLQMFDDPRNKRGVIIKGLEEITVHNKDEVYQILEKGAAKRTTAATLMNAYSSRSHSVFS
VTIHMKETTIDGEELVKIGKLNLVDLAGSENIGRSGAVDKRAREAGNINQSLLTLGRVITALVERTPHVPYRESKLTRIL
QDSLGGRTRTSIIATISPASLNLEETLSTLEYAHRAKNILNKPEVNQK
;
_entity_poly.pdbx_strand_id   A,B
#
# COMPACT_ATOMS: atom_id res chain seq x y z
N GLY A 16 -30.62 28.38 -4.53
CA GLY A 16 -29.28 28.77 -4.02
C GLY A 16 -28.75 28.01 -2.80
N LYS A 17 -27.40 27.94 -2.69
CA LYS A 17 -26.66 27.52 -1.47
C LYS A 17 -25.11 27.63 -1.61
N ASN A 18 -24.47 28.45 -0.77
CA ASN A 18 -23.01 28.56 -0.69
C ASN A 18 -22.31 27.23 -0.36
N ILE A 19 -21.07 27.13 -0.83
CA ILE A 19 -20.26 25.96 -0.56
C ILE A 19 -19.86 25.99 0.91
N GLN A 20 -20.15 24.93 1.66
CA GLN A 20 -19.77 24.90 3.04
C GLN A 20 -18.34 24.40 3.16
N VAL A 21 -17.58 25.07 4.02
CA VAL A 21 -16.19 24.84 4.14
C VAL A 21 -15.95 24.58 5.64
N VAL A 22 -15.34 23.43 5.92
CA VAL A 22 -14.95 23.02 7.27
C VAL A 22 -13.45 22.79 7.35
N VAL A 23 -12.85 23.09 8.51
CA VAL A 23 -11.40 22.94 8.72
C VAL A 23 -11.27 21.81 9.64
N ARG A 24 -10.37 20.86 9.38
CA ARG A 24 -10.04 19.83 10.41
C ARG A 24 -8.53 19.88 10.69
N CYS A 25 -8.15 20.21 11.92
CA CYS A 25 -6.78 20.13 12.36
C CYS A 25 -6.48 18.73 12.80
N ARG A 26 -5.37 18.19 12.30
CA ARG A 26 -4.96 16.86 12.78
C ARG A 26 -4.21 16.96 14.15
N PRO A 27 -4.21 15.86 14.95
CA PRO A 27 -3.49 15.88 16.24
C PRO A 27 -1.99 15.79 15.99
N PHE A 28 -1.12 16.15 16.95
CA PHE A 28 0.30 15.73 16.90
C PHE A 28 0.46 14.20 16.88
N ASN A 29 1.51 13.71 16.22
CA ASN A 29 1.79 12.28 16.07
C ASN A 29 2.78 11.86 17.23
N LEU A 30 3.40 10.67 17.18
CA LEU A 30 4.41 10.21 18.23
C LEU A 30 5.60 11.13 18.34
N ALA A 31 6.35 11.18 17.27
CA ALA A 31 7.51 12.03 17.20
C ALA A 31 7.26 13.46 17.74
N GLU A 32 6.17 14.11 17.31
CA GLU A 32 5.92 15.51 17.74
C GLU A 32 5.53 15.59 19.25
N ARG A 33 4.78 14.60 19.67
CA ARG A 33 4.35 14.52 21.05
C ARG A 33 5.51 14.28 21.99
N LYS A 34 6.45 13.40 21.63
CA LYS A 34 7.66 13.21 22.47
C LYS A 34 8.62 14.42 22.43
N ALA A 35 8.56 15.17 21.33
CA ALA A 35 9.38 16.37 21.16
C ALA A 35 8.76 17.59 21.85
N SER A 36 7.78 17.32 22.73
CA SER A 36 6.95 18.35 23.38
C SER A 36 6.60 19.54 22.44
N ALA A 37 6.03 19.20 21.27
CA ALA A 37 5.68 20.22 20.29
C ALA A 37 4.53 21.02 20.84
N HIS A 38 4.55 22.33 20.62
CA HIS A 38 3.39 23.17 20.94
C HIS A 38 2.59 23.62 19.69
N SER A 39 1.30 23.37 19.75
CA SER A 39 0.41 23.66 18.66
C SER A 39 0.42 25.19 18.43
N ILE A 40 0.53 25.57 17.16
CA ILE A 40 0.36 26.96 16.78
C ILE A 40 -1.05 27.27 16.32
N VAL A 41 -1.92 26.29 16.48
CA VAL A 41 -3.31 26.33 16.05
C VAL A 41 -4.28 26.12 17.25
N GLU A 42 -5.30 26.97 17.37
CA GLU A 42 -6.34 26.79 18.38
C GLU A 42 -7.64 26.80 17.62
N CYS A 43 -8.51 25.82 17.89
CA CYS A 43 -9.82 25.69 17.27
C CYS A 43 -10.95 25.87 18.30
N ASP A 44 -11.90 26.73 17.95
CA ASP A 44 -13.08 27.02 18.76
C ASP A 44 -14.32 26.79 17.90
N PRO A 45 -14.80 25.53 17.91
CA PRO A 45 -15.94 25.05 17.15
C PRO A 45 -17.18 25.84 17.40
N VAL A 46 -17.43 26.20 18.66
CA VAL A 46 -18.61 27.04 18.93
C VAL A 46 -18.55 28.46 18.29
N ARG A 47 -17.41 29.15 18.26
CA ARG A 47 -17.36 30.36 17.44
C ARG A 47 -16.90 30.09 15.97
N LYS A 48 -16.75 28.82 15.63
CA LYS A 48 -16.37 28.36 14.27
C LYS A 48 -15.11 29.04 13.75
N GLU A 49 -14.09 28.95 14.56
CA GLU A 49 -12.96 29.84 14.49
C GLU A 49 -11.70 29.01 14.61
N VAL A 50 -10.74 29.27 13.72
CA VAL A 50 -9.41 28.78 13.96
C VAL A 50 -8.46 29.96 14.06
N SER A 51 -7.66 29.92 15.12
CA SER A 51 -6.67 30.97 15.44
C SER A 51 -5.29 30.44 15.26
N VAL A 52 -4.47 31.17 14.49
CA VAL A 52 -3.12 30.73 14.18
C VAL A 52 -2.09 31.73 14.72
N ARG A 53 -1.09 31.18 15.41
CA ARG A 53 0.03 31.89 16.00
C ARG A 53 1.13 32.15 14.93
N THR A 54 1.22 33.40 14.48
CA THR A 54 1.93 33.76 13.25
C THR A 54 3.42 34.21 13.38
N GLY A 55 3.98 34.15 14.60
CA GLY A 55 5.36 34.56 14.89
C GLY A 55 5.65 34.48 16.38
N GLY A 56 5.07 35.44 17.12
CA GLY A 56 5.34 35.76 18.54
C GLY A 56 5.94 34.70 19.45
N LEU A 57 5.14 34.29 20.44
CA LEU A 57 5.54 33.37 21.51
C LEU A 57 4.26 32.74 22.11
N ALA A 58 4.41 31.81 23.06
CA ALA A 58 3.29 31.45 23.98
C ALA A 58 3.17 32.47 25.15
N ASP A 59 4.03 33.49 25.09
CA ASP A 59 4.18 34.54 26.11
C ASP A 59 3.65 35.90 25.59
N LYS A 60 4.04 36.27 24.37
CA LYS A 60 3.41 37.39 23.61
C LYS A 60 3.41 37.13 22.09
N SER A 61 2.25 37.36 21.48
CA SER A 61 1.97 36.80 20.17
C SER A 61 0.91 37.56 19.35
N SER A 62 1.22 37.73 18.07
CA SER A 62 0.25 38.03 17.04
C SER A 62 -0.40 36.70 16.62
N ARG A 63 -1.70 36.77 16.36
CA ARG A 63 -2.44 35.61 15.95
C ARG A 63 -3.26 36.09 14.79
N LYS A 64 -3.53 35.16 13.86
CA LYS A 64 -4.43 35.36 12.72
C LYS A 64 -5.70 34.51 12.85
N THR A 65 -6.87 35.13 12.63
CA THR A 65 -8.13 34.40 12.85
C THR A 65 -9.02 34.32 11.63
N TYR A 66 -9.68 33.16 11.53
CA TYR A 66 -10.52 32.79 10.40
C TYR A 66 -11.82 32.16 10.89
N THR A 67 -12.93 32.54 10.26
CA THR A 67 -14.20 31.89 10.52
C THR A 67 -14.61 31.04 9.32
N PHE A 68 -15.13 29.86 9.63
CA PHE A 68 -15.59 28.85 8.66
C PHE A 68 -16.99 28.40 9.00
N ASP A 69 -17.59 27.62 8.09
CA ASP A 69 -18.83 26.95 8.38
C ASP A 69 -18.78 25.98 9.60
N MET A 70 -17.76 25.15 9.73
CA MET A 70 -17.42 24.43 10.97
C MET A 70 -15.92 24.39 11.11
N VAL A 71 -15.44 24.35 12.35
CA VAL A 71 -14.04 23.91 12.56
C VAL A 71 -14.01 22.77 13.56
N PHE A 72 -13.15 21.80 13.24
CA PHE A 72 -12.86 20.64 14.01
C PHE A 72 -11.38 20.68 14.45
N GLY A 73 -11.14 20.79 15.77
CA GLY A 73 -9.78 20.77 16.30
C GLY A 73 -9.12 19.42 16.33
N ALA A 74 -7.89 19.40 16.85
CA ALA A 74 -7.06 18.23 16.88
C ALA A 74 -7.65 17.02 17.62
N SER A 75 -8.56 17.26 18.59
CA SER A 75 -9.32 16.20 19.30
C SER A 75 -10.43 15.51 18.50
N THR A 76 -10.86 16.12 17.42
CA THR A 76 -11.94 15.57 16.60
C THR A 76 -11.65 14.13 16.19
N LYS A 77 -12.59 13.23 16.43
CA LYS A 77 -12.55 11.85 15.94
C LYS A 77 -13.37 11.64 14.66
N GLN A 78 -13.16 10.51 14.00
CA GLN A 78 -13.84 10.13 12.74
C GLN A 78 -15.38 10.15 12.86
N ILE A 79 -15.90 9.55 13.94
CA ILE A 79 -17.33 9.67 14.36
C ILE A 79 -17.87 11.14 14.46
N ASP A 80 -17.13 12.04 15.08
CA ASP A 80 -17.50 13.47 15.05
C ASP A 80 -17.73 14.03 13.65
N VAL A 81 -16.83 13.70 12.72
CA VAL A 81 -16.93 14.18 11.31
C VAL A 81 -18.13 13.49 10.65
N TYR A 82 -18.28 12.22 10.89
CA TYR A 82 -19.38 11.54 10.23
C TYR A 82 -20.75 12.09 10.69
N ARG A 83 -20.92 12.24 12.01
CA ARG A 83 -22.16 12.75 12.57
C ARG A 83 -22.50 14.20 12.12
N SER A 84 -21.51 15.08 12.19
CA SER A 84 -21.71 16.49 11.94
C SER A 84 -21.70 16.91 10.49
N VAL A 85 -20.87 16.27 9.69
CA VAL A 85 -20.73 16.61 8.30
C VAL A 85 -21.37 15.62 7.34
N VAL A 86 -21.07 14.36 7.53
CA VAL A 86 -21.45 13.40 6.53
C VAL A 86 -22.92 12.96 6.55
N CYS A 87 -23.51 12.71 7.76
CA CYS A 87 -24.93 12.29 7.85
C CYS A 87 -25.91 13.24 7.17
N PRO A 88 -25.80 14.54 7.44
CA PRO A 88 -26.70 15.49 6.76
C PRO A 88 -26.58 15.50 5.22
N ILE A 89 -25.36 15.48 4.71
CA ILE A 89 -25.11 15.28 3.27
C ILE A 89 -25.62 13.95 2.69
N LEU A 90 -25.32 12.82 3.31
CA LEU A 90 -25.90 11.57 2.91
C LEU A 90 -27.46 11.59 2.88
N ASP A 91 -28.11 12.09 3.94
CA ASP A 91 -29.60 12.25 3.94
C ASP A 91 -30.02 12.97 2.64
N GLU A 92 -29.26 14.02 2.25
CA GLU A 92 -29.61 14.77 1.04
C GLU A 92 -29.46 14.01 -0.30
N VAL A 93 -28.36 13.27 -0.42
CA VAL A 93 -28.16 12.34 -1.50
C VAL A 93 -29.30 11.29 -1.49
N ILE A 94 -29.70 10.85 -0.29
CA ILE A 94 -30.84 9.91 -0.23
C ILE A 94 -32.16 10.51 -0.73
N MET A 95 -32.33 11.83 -0.58
CA MET A 95 -33.48 12.54 -1.12
C MET A 95 -33.47 12.76 -2.63
N GLY A 96 -32.43 12.25 -3.30
CA GLY A 96 -32.26 12.42 -4.75
C GLY A 96 -31.39 13.55 -5.23
N TYR A 97 -30.48 14.04 -4.37
CA TYR A 97 -29.63 15.17 -4.73
C TYR A 97 -28.18 14.72 -5.11
N ASN A 98 -27.45 15.59 -5.77
CA ASN A 98 -26.06 15.30 -6.02
C ASN A 98 -25.28 16.06 -5.00
N CYS A 99 -24.26 15.44 -4.45
CA CYS A 99 -23.43 16.14 -3.44
C CYS A 99 -21.96 15.79 -3.64
N THR A 100 -21.08 16.72 -3.32
CA THR A 100 -19.65 16.42 -3.44
C THR A 100 -18.96 16.84 -2.15
N ILE A 101 -18.02 16.07 -1.66
CA ILE A 101 -17.10 16.55 -0.58
C ILE A 101 -15.65 16.48 -1.09
N PHE A 102 -14.98 17.61 -1.00
CA PHE A 102 -13.55 17.66 -1.34
C PHE A 102 -12.78 17.65 -0.01
N ALA A 103 -11.62 16.99 -0.04
CA ALA A 103 -10.56 17.20 0.96
C ALA A 103 -9.38 17.94 0.27
N TYR A 104 -8.94 19.06 0.82
CA TYR A 104 -7.94 19.93 0.30
C TYR A 104 -6.97 20.22 1.48
N GLY A 105 -5.67 20.23 1.21
CA GLY A 105 -4.68 20.44 2.25
C GLY A 105 -3.30 19.91 1.88
N GLN A 106 -2.29 20.31 2.60
CA GLN A 106 -0.94 19.85 2.31
C GLN A 106 -0.77 18.34 2.60
N THR A 107 0.08 17.67 1.85
CA THR A 107 0.38 16.27 2.21
C THR A 107 0.75 16.18 3.70
N GLY A 108 0.17 15.20 4.40
CA GLY A 108 0.48 14.89 5.74
C GLY A 108 -0.51 15.47 6.69
N THR A 109 -1.55 16.15 6.20
CA THR A 109 -2.44 16.79 7.13
C THR A 109 -3.78 16.04 7.35
N GLY A 110 -3.98 14.89 6.66
CA GLY A 110 -5.14 14.07 6.91
C GLY A 110 -6.27 14.03 5.88
N LYS A 111 -5.98 14.37 4.63
CA LYS A 111 -6.94 14.20 3.56
C LYS A 111 -7.42 12.77 3.40
N THR A 112 -6.46 11.87 3.22
CA THR A 112 -6.77 10.46 3.06
C THR A 112 -7.41 9.84 4.33
N PHE A 113 -6.88 10.24 5.49
CA PHE A 113 -7.41 9.85 6.80
C PHE A 113 -8.88 10.20 6.91
N THR A 114 -9.21 11.39 6.46
CA THR A 114 -10.58 11.89 6.48
C THR A 114 -11.55 11.16 5.58
N MET A 115 -11.15 11.00 4.32
CA MET A 115 -12.00 10.41 3.28
C MET A 115 -12.06 8.93 3.29
N GLU A 116 -10.97 8.28 3.71
CA GLU A 116 -10.86 6.80 3.66
C GLU A 116 -10.72 6.21 5.04
N GLY A 117 -9.87 6.83 5.87
CA GLY A 117 -9.48 6.29 7.17
C GLY A 117 -8.44 5.18 7.09
N GLU A 118 -8.06 4.72 8.29
CA GLU A 118 -7.02 3.69 8.48
C GLU A 118 -7.61 2.47 9.25
N ARG A 119 -6.92 1.32 9.28
CA ARG A 119 -7.30 0.30 10.26
C ARG A 119 -6.64 0.52 11.63
N SER A 120 -7.40 0.25 12.70
CA SER A 120 -6.81 0.16 14.04
C SER A 120 -5.83 -1.03 13.99
N PRO A 121 -4.69 -0.90 14.67
CA PRO A 121 -3.67 -1.97 14.63
C PRO A 121 -4.09 -3.29 15.27
N ASN A 122 -3.35 -4.32 14.89
CA ASN A 122 -3.48 -5.62 15.46
C ASN A 122 -4.88 -6.19 15.39
N GLU A 123 -5.54 -5.94 14.26
CA GLU A 123 -6.86 -6.47 13.98
C GLU A 123 -7.93 -6.34 15.11
N GLU A 124 -7.93 -5.22 15.84
CA GLU A 124 -8.80 -5.05 16.99
C GLU A 124 -10.26 -4.97 16.57
N TYR A 125 -10.52 -4.45 15.37
CA TYR A 125 -11.91 -4.26 14.94
C TYR A 125 -12.28 -4.90 13.62
N THR A 126 -13.58 -5.07 13.43
CA THR A 126 -14.06 -5.34 12.10
C THR A 126 -14.11 -3.96 11.38
N TRP A 127 -14.29 -3.96 10.07
CA TRP A 127 -14.11 -2.73 9.29
C TRP A 127 -15.31 -1.84 9.59
N GLU A 128 -16.46 -2.49 9.78
CA GLU A 128 -17.67 -1.76 10.02
C GLU A 128 -17.74 -1.16 11.43
N GLU A 129 -16.80 -1.49 12.33
CA GLU A 129 -16.77 -0.93 13.69
C GLU A 129 -15.54 -0.10 14.03
N ASP A 130 -14.50 -0.19 13.20
CA ASP A 130 -13.26 0.52 13.41
C ASP A 130 -13.46 2.03 13.65
N PRO A 131 -13.04 2.52 14.81
CA PRO A 131 -13.09 3.95 15.04
C PRO A 131 -12.28 4.83 14.06
N LEU A 132 -11.38 4.19 13.31
CA LEU A 132 -10.49 4.91 12.42
C LEU A 132 -11.05 4.97 10.99
N ALA A 133 -12.22 4.37 10.79
CA ALA A 133 -12.93 4.40 9.49
C ALA A 133 -13.29 5.81 9.10
N GLY A 134 -13.07 6.15 7.83
CA GLY A 134 -13.29 7.55 7.39
C GLY A 134 -14.62 7.62 6.64
N ILE A 135 -14.79 8.60 5.75
CA ILE A 135 -16.11 8.99 5.20
C ILE A 135 -16.62 7.92 4.25
N ILE A 136 -15.73 7.41 3.41
CA ILE A 136 -16.15 6.41 2.38
C ILE A 136 -16.71 5.06 2.98
N PRO A 137 -15.93 4.32 3.82
CA PRO A 137 -16.56 3.11 4.36
C PRO A 137 -17.80 3.44 5.25
N ARG A 138 -17.75 4.44 6.15
CA ARG A 138 -18.94 4.83 6.99
C ARG A 138 -20.16 5.16 6.15
N THR A 139 -20.04 6.05 5.15
CA THR A 139 -21.05 6.26 4.14
C THR A 139 -21.65 4.99 3.51
N LEU A 140 -20.80 4.08 2.99
CA LEU A 140 -21.28 2.89 2.31
C LEU A 140 -22.02 2.05 3.28
N HIS A 141 -21.52 1.97 4.52
CA HIS A 141 -22.11 1.09 5.51
C HIS A 141 -23.54 1.60 5.88
N GLN A 142 -23.66 2.92 6.00
CA GLN A 142 -24.89 3.55 6.40
C GLN A 142 -25.95 3.57 5.35
N ILE A 143 -25.57 3.82 4.10
CA ILE A 143 -26.52 3.63 2.97
C ILE A 143 -27.30 2.31 3.10
N PHE A 144 -26.63 1.19 3.39
CA PHE A 144 -27.30 -0.11 3.47
C PHE A 144 -28.09 -0.17 4.78
N GLU A 145 -27.47 0.30 5.84
CA GLU A 145 -28.11 0.34 7.15
C GLU A 145 -29.32 1.29 7.11
N LYS A 146 -29.30 2.36 6.35
CA LYS A 146 -30.52 3.16 6.29
C LYS A 146 -31.57 2.49 5.42
N LEU A 147 -31.24 2.29 4.14
CA LEU A 147 -32.20 1.79 3.15
C LEU A 147 -32.63 0.29 3.23
N THR A 148 -31.76 -0.60 3.74
CA THR A 148 -32.11 -2.04 3.91
C THR A 148 -33.45 -2.23 4.65
N ASP A 149 -33.55 -1.66 5.86
CA ASP A 149 -34.66 -1.91 6.83
C ASP A 149 -36.01 -1.16 6.60
N ASN A 150 -35.92 0.16 6.40
CA ASN A 150 -37.08 0.87 5.89
C ASN A 150 -37.47 0.24 4.52
N GLY A 151 -38.60 0.61 3.94
CA GLY A 151 -39.16 -0.17 2.80
C GLY A 151 -38.71 0.28 1.40
N THR A 152 -37.39 0.23 1.17
CA THR A 152 -36.85 0.81 -0.06
C THR A 152 -36.15 -0.27 -0.93
N GLU A 153 -36.59 -0.37 -2.20
CA GLU A 153 -35.85 -1.11 -3.22
C GLU A 153 -34.79 -0.13 -3.76
N PHE A 154 -33.51 -0.54 -3.71
CA PHE A 154 -32.41 0.37 -4.08
C PHE A 154 -31.25 -0.39 -4.68
N SER A 155 -30.51 0.30 -5.53
CA SER A 155 -29.16 -0.13 -5.97
C SER A 155 -28.06 0.93 -5.75
N VAL A 156 -26.88 0.39 -5.46
CA VAL A 156 -25.63 1.09 -5.19
C VAL A 156 -24.55 0.68 -6.22
N LYS A 157 -24.09 1.65 -7.01
CA LYS A 157 -22.88 1.53 -7.85
C LYS A 157 -21.80 2.47 -7.28
N VAL A 158 -20.55 2.05 -7.35
CA VAL A 158 -19.41 2.85 -6.96
C VAL A 158 -18.40 2.90 -8.12
N SER A 159 -17.74 4.04 -8.28
CA SER A 159 -16.56 4.10 -9.15
C SER A 159 -15.42 4.93 -8.51
N LEU A 160 -14.17 4.74 -8.99
CA LEU A 160 -13.03 5.45 -8.52
C LEU A 160 -12.14 5.87 -9.70
N LEU A 161 -12.21 7.12 -10.03
CA LEU A 161 -11.57 7.67 -11.21
C LEU A 161 -10.53 8.51 -10.59
N GLU A 162 -9.30 8.28 -10.99
CA GLU A 162 -8.21 9.06 -10.51
C GLU A 162 -7.44 9.78 -11.61
N ILE A 163 -6.91 10.93 -11.25
CA ILE A 163 -6.22 11.76 -12.23
C ILE A 163 -4.78 11.94 -11.79
N TYR A 164 -3.85 11.55 -12.68
CA TYR A 164 -2.43 11.76 -12.44
C TYR A 164 -1.85 12.26 -13.74
N ASN A 165 -1.27 13.44 -13.69
CA ASN A 165 -0.70 14.10 -14.87
C ASN A 165 -1.66 14.26 -16.02
N GLU A 166 -2.93 14.59 -15.72
CA GLU A 166 -3.98 14.79 -16.70
C GLU A 166 -4.30 13.55 -17.50
N GLU A 167 -3.96 12.36 -16.97
CA GLU A 167 -4.43 11.09 -17.49
C GLU A 167 -5.38 10.46 -16.44
N LEU A 168 -6.17 9.48 -16.86
CA LEU A 168 -7.32 9.06 -16.06
C LEU A 168 -7.21 7.60 -15.92
N PHE A 169 -7.39 7.15 -14.68
CA PHE A 169 -7.20 5.75 -14.28
C PHE A 169 -8.46 5.33 -13.53
N ASP A 170 -8.82 4.05 -13.65
CA ASP A 170 -9.92 3.44 -12.97
C ASP A 170 -9.24 2.53 -11.98
N LEU A 171 -9.44 2.80 -10.68
CA LEU A 171 -8.75 2.09 -9.63
C LEU A 171 -9.61 1.02 -8.99
N LEU A 172 -10.79 0.76 -9.51
CA LEU A 172 -11.63 -0.22 -8.81
C LEU A 172 -11.84 -1.48 -9.63
N ASN A 173 -11.79 -1.33 -10.94
CA ASN A 173 -12.01 -2.39 -11.91
C ASN A 173 -11.05 -3.64 -11.72
N PRO A 174 -11.59 -4.78 -11.17
CA PRO A 174 -10.76 -5.94 -10.78
C PRO A 174 -10.15 -6.77 -11.94
N SER A 175 -10.59 -6.47 -13.16
CA SER A 175 -10.21 -7.26 -14.30
C SER A 175 -9.59 -6.41 -15.38
N SER A 176 -8.75 -5.46 -15.00
CA SER A 176 -8.01 -4.69 -16.01
C SER A 176 -6.85 -4.01 -15.31
N ASP A 177 -5.71 -3.80 -15.96
CA ASP A 177 -4.65 -3.12 -15.22
C ASP A 177 -4.80 -1.60 -15.07
N VAL A 178 -4.38 -1.18 -13.88
CA VAL A 178 -4.30 0.23 -13.52
C VAL A 178 -3.69 1.15 -14.57
N SER A 179 -2.65 0.70 -15.25
CA SER A 179 -1.90 1.50 -16.27
C SER A 179 -2.69 1.81 -17.56
N GLU A 180 -3.85 1.21 -17.73
CA GLU A 180 -4.68 1.59 -18.90
C GLU A 180 -5.39 2.88 -18.58
N ARG A 181 -5.00 3.97 -19.26
CA ARG A 181 -5.72 5.26 -19.20
C ARG A 181 -7.06 5.20 -19.90
N LEU A 182 -7.99 6.08 -19.49
CA LEU A 182 -9.34 6.20 -20.06
C LEU A 182 -9.44 7.51 -20.81
N GLN A 183 -10.45 7.59 -21.64
CA GLN A 183 -10.66 8.80 -22.45
C GLN A 183 -11.86 9.47 -21.97
N MET A 184 -11.90 10.78 -22.13
CA MET A 184 -13.11 11.48 -21.82
C MET A 184 -13.56 12.38 -22.92
N PHE A 185 -14.86 12.54 -23.01
CA PHE A 185 -15.54 13.48 -23.91
C PHE A 185 -16.75 14.13 -23.22
N ASP A 186 -17.24 15.19 -23.83
CA ASP A 186 -18.48 15.87 -23.44
C ASP A 186 -19.71 15.03 -23.72
N ASP A 187 -20.68 15.15 -22.82
CA ASP A 187 -21.95 14.47 -22.91
C ASP A 187 -22.77 15.42 -23.74
N PRO A 188 -23.42 14.93 -24.81
CA PRO A 188 -24.27 15.87 -25.56
C PRO A 188 -25.68 15.96 -24.97
N ARG A 189 -26.13 14.93 -24.27
CA ARG A 189 -27.44 15.02 -23.61
C ARG A 189 -27.51 16.09 -22.50
N ASN A 190 -26.59 16.05 -21.50
CA ASN A 190 -26.42 17.14 -20.48
C ASN A 190 -25.08 17.96 -20.56
N LYS A 191 -25.11 19.26 -20.22
CA LYS A 191 -24.04 20.21 -20.63
C LYS A 191 -22.88 20.55 -19.61
N ARG A 192 -23.18 20.45 -18.31
CA ARG A 192 -22.14 20.40 -17.26
C ARG A 192 -21.33 19.10 -17.35
N GLY A 193 -21.64 18.27 -18.36
CA GLY A 193 -21.42 16.82 -18.31
C GLY A 193 -20.33 16.27 -19.19
N VAL A 194 -19.75 15.16 -18.75
CA VAL A 194 -18.79 14.38 -19.54
C VAL A 194 -19.08 12.87 -19.43
N ILE A 195 -18.66 12.11 -20.45
CA ILE A 195 -18.64 10.69 -20.44
C ILE A 195 -17.20 10.23 -20.35
N ILE A 196 -16.94 9.40 -19.37
CA ILE A 196 -15.66 8.69 -19.27
C ILE A 196 -15.82 7.26 -19.78
N LYS A 197 -15.42 7.06 -21.02
CA LYS A 197 -15.43 5.79 -21.69
C LYS A 197 -14.60 4.73 -20.95
N GLY A 198 -15.27 3.69 -20.47
CA GLY A 198 -14.56 2.56 -19.86
C GLY A 198 -14.33 2.63 -18.35
N LEU A 199 -14.74 3.70 -17.74
CA LEU A 199 -14.82 3.75 -16.27
C LEU A 199 -15.78 2.67 -15.79
N GLU A 200 -15.38 1.82 -14.87
CA GLU A 200 -16.35 0.85 -14.30
C GLU A 200 -17.15 1.32 -13.08
N GLU A 201 -18.47 1.12 -13.15
CA GLU A 201 -19.41 1.27 -12.04
C GLU A 201 -19.63 -0.12 -11.47
N ILE A 202 -19.14 -0.37 -10.27
CA ILE A 202 -19.28 -1.68 -9.69
C ILE A 202 -20.52 -1.72 -8.76
N THR A 203 -21.38 -2.70 -8.99
CA THR A 203 -22.63 -2.82 -8.20
C THR A 203 -22.23 -3.45 -6.89
N VAL A 204 -22.71 -2.83 -5.82
CA VAL A 204 -22.38 -3.27 -4.47
C VAL A 204 -23.71 -3.83 -3.97
N HIS A 205 -23.76 -5.16 -3.91
CA HIS A 205 -25.02 -5.88 -3.72
C HIS A 205 -25.49 -5.73 -2.29
N ASN A 206 -24.57 -5.94 -1.35
CA ASN A 206 -24.92 -5.68 0.07
C ASN A 206 -23.73 -5.18 0.84
N LYS A 207 -23.99 -4.79 2.07
CA LYS A 207 -22.97 -4.24 2.88
C LYS A 207 -21.77 -5.23 2.96
N ASP A 208 -22.04 -6.53 2.79
CA ASP A 208 -20.99 -7.55 2.88
C ASP A 208 -20.12 -7.74 1.63
N GLU A 209 -20.45 -7.02 0.58
CA GLU A 209 -19.47 -6.83 -0.52
C GLU A 209 -18.64 -5.53 -0.45
N VAL A 210 -19.01 -4.57 0.39
CA VAL A 210 -18.27 -3.33 0.49
C VAL A 210 -16.75 -3.55 0.71
N TYR A 211 -16.37 -4.27 1.76
CA TYR A 211 -14.95 -4.35 2.04
C TYR A 211 -14.07 -4.81 0.87
N GLN A 212 -14.44 -5.95 0.26
CA GLN A 212 -13.63 -6.57 -0.82
C GLN A 212 -13.45 -5.68 -2.04
N ILE A 213 -14.50 -4.96 -2.43
CA ILE A 213 -14.41 -3.95 -3.49
C ILE A 213 -13.30 -2.93 -3.16
N LEU A 214 -13.35 -2.32 -1.97
CA LEU A 214 -12.35 -1.36 -1.49
C LEU A 214 -10.91 -1.95 -1.38
N GLU A 215 -10.76 -3.15 -0.82
CA GLU A 215 -9.49 -3.95 -0.85
C GLU A 215 -8.83 -4.12 -2.24
N LYS A 216 -9.64 -4.36 -3.25
CA LYS A 216 -9.17 -4.51 -4.61
C LYS A 216 -8.60 -3.18 -5.13
N GLY A 217 -9.37 -2.13 -4.93
CA GLY A 217 -8.90 -0.80 -5.21
C GLY A 217 -7.65 -0.41 -4.48
N ALA A 218 -7.52 -0.85 -3.22
CA ALA A 218 -6.31 -0.60 -2.44
C ALA A 218 -5.08 -1.19 -3.14
N ALA A 219 -5.24 -2.41 -3.65
CA ALA A 219 -4.17 -3.21 -4.26
C ALA A 219 -3.74 -2.55 -5.57
N LYS A 220 -4.73 -2.08 -6.35
CA LYS A 220 -4.54 -1.29 -7.59
C LYS A 220 -3.85 0.04 -7.31
N ARG A 221 -4.15 0.66 -6.16
CA ARG A 221 -3.45 1.87 -5.70
C ARG A 221 -1.91 1.68 -5.47
N THR A 222 -1.54 0.56 -4.84
CA THR A 222 -0.17 0.15 -4.56
C THR A 222 0.62 0.05 -5.89
N THR A 223 0.03 -0.62 -6.87
CA THR A 223 0.70 -0.70 -8.13
C THR A 223 0.78 0.62 -8.89
N ALA A 224 -0.24 1.48 -8.76
CA ALA A 224 -0.20 2.74 -9.52
C ALA A 224 0.99 3.54 -8.89
N ALA A 225 1.18 3.36 -7.61
CA ALA A 225 2.19 4.01 -6.87
C ALA A 225 3.64 3.60 -7.31
N THR A 226 3.77 2.34 -7.73
CA THR A 226 5.03 1.80 -8.19
C THR A 226 5.30 2.45 -9.53
N LEU A 227 4.25 2.57 -10.38
CA LEU A 227 4.34 3.03 -11.72
C LEU A 227 4.46 4.52 -11.82
N MET A 228 3.91 5.29 -10.89
CA MET A 228 3.85 6.72 -11.01
C MET A 228 4.46 7.34 -9.84
N ASN A 229 5.31 8.35 -10.10
CA ASN A 229 6.04 9.02 -9.02
C ASN A 229 5.15 9.86 -8.14
N ALA A 230 5.42 9.80 -6.84
CA ALA A 230 4.63 10.41 -5.77
C ALA A 230 3.10 10.32 -6.07
N TYR A 231 2.66 9.19 -6.57
CA TYR A 231 1.29 8.99 -6.99
C TYR A 231 0.31 9.48 -5.90
N SER A 232 0.54 9.12 -4.62
CA SER A 232 -0.50 9.30 -3.57
C SER A 232 -0.66 10.81 -3.19
N SER A 233 0.36 11.60 -3.52
CA SER A 233 0.44 13.02 -3.23
C SER A 233 -0.04 13.90 -4.38
N ARG A 234 0.19 13.42 -5.60
CA ARG A 234 0.05 14.21 -6.82
C ARG A 234 -1.17 13.84 -7.61
N SER A 235 -1.73 12.68 -7.32
CA SER A 235 -2.99 12.26 -7.87
C SER A 235 -4.25 12.92 -7.20
N HIS A 236 -5.36 13.03 -7.97
CA HIS A 236 -6.67 13.38 -7.38
C HIS A 236 -7.51 12.14 -7.52
N SER A 237 -8.33 11.77 -6.54
CA SER A 237 -9.23 10.61 -6.75
C SER A 237 -10.65 11.09 -6.53
N VAL A 238 -11.57 10.53 -7.29
CA VAL A 238 -12.95 10.83 -7.14
C VAL A 238 -13.64 9.47 -6.93
N PHE A 239 -14.01 9.19 -5.69
CA PHE A 239 -14.80 8.02 -5.37
C PHE A 239 -16.28 8.46 -5.49
N SER A 240 -17.04 7.79 -6.34
CA SER A 240 -18.44 8.20 -6.57
C SER A 240 -19.35 7.12 -6.11
N VAL A 241 -20.37 7.45 -5.32
CA VAL A 241 -21.51 6.50 -5.10
C VAL A 241 -22.86 6.95 -5.69
N THR A 242 -23.48 6.07 -6.49
CA THR A 242 -24.83 6.30 -7.04
C THR A 242 -25.85 5.34 -6.40
N ILE A 243 -26.95 5.93 -5.93
CA ILE A 243 -28.08 5.15 -5.35
C ILE A 243 -29.31 5.37 -6.23
N HIS A 244 -29.76 4.28 -6.84
CA HIS A 244 -31.07 4.24 -7.47
C HIS A 244 -32.00 3.56 -6.45
N MET A 245 -33.09 4.24 -6.23
CA MET A 245 -34.00 3.89 -5.15
C MET A 245 -35.43 3.90 -5.72
N LYS A 246 -36.18 2.83 -5.47
CA LYS A 246 -37.64 2.83 -5.69
C LYS A 246 -38.19 2.70 -4.27
N GLU A 247 -38.67 3.83 -3.74
CA GLU A 247 -39.22 3.83 -2.41
C GLU A 247 -40.77 3.72 -2.45
N THR A 248 -41.29 2.72 -1.73
CA THR A 248 -42.70 2.65 -1.43
C THR A 248 -42.90 3.20 0.01
N THR A 249 -43.53 4.38 0.04
CA THR A 249 -43.87 5.12 1.26
C THR A 249 -44.87 4.25 2.05
N ILE A 250 -44.99 4.46 3.36
CA ILE A 250 -45.97 3.69 4.17
C ILE A 250 -47.43 3.81 3.62
N ASP A 251 -47.69 4.90 2.93
CA ASP A 251 -48.95 5.12 2.18
C ASP A 251 -49.02 4.47 0.78
N GLY A 252 -48.11 3.58 0.49
CA GLY A 252 -48.13 2.88 -0.78
C GLY A 252 -47.81 3.69 -2.03
N GLU A 253 -47.29 4.90 -1.88
CA GLU A 253 -46.89 5.68 -3.07
C GLU A 253 -45.46 5.30 -3.42
N GLU A 254 -45.16 5.27 -4.70
CA GLU A 254 -43.89 4.72 -5.13
C GLU A 254 -43.02 5.86 -5.67
N LEU A 255 -41.92 6.16 -4.96
CA LEU A 255 -41.07 7.32 -5.31
C LEU A 255 -39.78 6.80 -5.91
N VAL A 256 -39.48 7.20 -7.15
CA VAL A 256 -38.21 6.84 -7.83
C VAL A 256 -37.20 8.00 -7.79
N LYS A 257 -36.05 7.76 -7.16
CA LYS A 257 -34.97 8.78 -7.13
C LYS A 257 -33.56 8.21 -7.31
N ILE A 258 -32.71 9.12 -7.81
CA ILE A 258 -31.25 9.00 -8.06
C ILE A 258 -30.45 9.99 -7.21
N GLY A 259 -29.71 9.39 -6.28
CA GLY A 259 -28.73 10.10 -5.43
C GLY A 259 -27.28 9.83 -5.89
N LYS A 260 -26.50 10.91 -5.88
CA LYS A 260 -25.08 10.86 -6.20
C LYS A 260 -24.12 11.58 -5.21
N LEU A 261 -23.10 10.86 -4.73
CA LEU A 261 -22.08 11.47 -3.87
C LEU A 261 -20.65 11.27 -4.44
N ASN A 262 -19.92 12.37 -4.65
CA ASN A 262 -18.49 12.37 -5.04
C ASN A 262 -17.65 12.66 -3.84
N LEU A 263 -16.70 11.79 -3.53
CA LEU A 263 -15.74 12.02 -2.44
C LEU A 263 -14.43 12.17 -3.06
N VAL A 264 -13.85 13.34 -2.96
CA VAL A 264 -12.72 13.74 -3.78
C VAL A 264 -11.54 14.04 -2.87
N ASP A 265 -10.46 13.33 -3.06
CA ASP A 265 -9.31 13.46 -2.23
C ASP A 265 -8.35 14.12 -3.25
N LEU A 266 -8.21 15.43 -3.14
CA LEU A 266 -7.27 16.22 -3.92
C LEU A 266 -5.73 15.93 -3.70
N ALA A 267 -4.97 16.20 -4.74
CA ALA A 267 -3.51 16.24 -4.68
C ALA A 267 -3.12 17.21 -3.60
N GLY A 268 -2.06 16.94 -2.90
CA GLY A 268 -1.68 17.85 -1.85
C GLY A 268 -1.35 19.23 -2.43
N SER A 269 -1.70 20.23 -1.63
CA SER A 269 -1.64 21.65 -2.02
C SER A 269 -0.31 22.38 -1.75
N GLU A 270 0.68 21.69 -1.13
CA GLU A 270 2.07 22.24 -0.86
C GLU A 270 2.80 22.74 -2.14
N ASN A 271 3.42 23.91 -1.99
CA ASN A 271 4.37 24.49 -2.96
C ASN A 271 5.73 23.78 -2.84
N ILE A 288 2.97 22.10 -13.75
CA ILE A 288 3.04 20.64 -13.41
C ILE A 288 1.78 19.88 -12.88
N ASN A 289 0.95 20.45 -12.01
CA ASN A 289 -0.35 19.78 -11.70
C ASN A 289 -1.52 20.64 -12.25
N GLN A 290 -1.86 20.38 -13.50
CA GLN A 290 -2.80 21.21 -14.28
C GLN A 290 -4.19 21.20 -13.64
N SER A 291 -4.58 20.06 -13.10
CA SER A 291 -5.91 20.00 -12.46
C SER A 291 -5.98 20.82 -11.18
N LEU A 292 -4.95 20.78 -10.36
CA LEU A 292 -4.92 21.54 -9.11
C LEU A 292 -4.81 23.05 -9.39
N LEU A 293 -3.94 23.40 -10.32
CA LEU A 293 -3.85 24.79 -10.78
C LEU A 293 -5.19 25.37 -11.27
N THR A 294 -5.86 24.61 -12.10
CA THR A 294 -7.15 24.97 -12.70
C THR A 294 -8.27 25.02 -11.67
N LEU A 295 -8.27 24.10 -10.71
CA LEU A 295 -9.20 24.15 -9.56
C LEU A 295 -9.12 25.52 -8.87
N GLY A 296 -7.89 25.99 -8.64
CA GLY A 296 -7.68 27.24 -7.96
C GLY A 296 -8.19 28.40 -8.79
N ARG A 297 -8.03 28.25 -10.12
CA ARG A 297 -8.41 29.30 -11.05
C ARG A 297 -9.88 29.30 -11.21
N VAL A 298 -10.50 28.13 -11.22
CA VAL A 298 -11.95 27.98 -11.23
C VAL A 298 -12.60 28.60 -9.99
N ILE A 299 -12.03 28.36 -8.82
CA ILE A 299 -12.53 28.98 -7.58
C ILE A 299 -12.34 30.50 -7.55
N THR A 300 -11.15 30.96 -7.95
CA THR A 300 -10.92 32.42 -8.14
C THR A 300 -11.97 33.07 -9.06
N ALA A 301 -12.17 32.51 -10.26
CA ALA A 301 -13.24 32.94 -11.15
C ALA A 301 -14.66 32.97 -10.56
N LEU A 302 -15.02 31.93 -9.81
CA LEU A 302 -16.31 31.86 -9.20
C LEU A 302 -16.56 32.84 -8.07
N VAL A 303 -15.59 33.04 -7.18
CA VAL A 303 -15.72 34.07 -6.12
C VAL A 303 -15.56 35.53 -6.61
N GLU A 304 -14.79 35.74 -7.67
CA GLU A 304 -14.71 37.05 -8.29
C GLU A 304 -15.81 37.34 -9.33
N ARG A 305 -16.65 36.35 -9.64
CA ARG A 305 -17.66 36.47 -10.70
C ARG A 305 -17.00 37.07 -11.95
N THR A 306 -15.96 36.39 -12.43
CA THR A 306 -15.43 36.63 -13.76
C THR A 306 -16.30 35.75 -14.67
N PRO A 307 -16.68 36.29 -15.85
CA PRO A 307 -17.76 35.62 -16.59
C PRO A 307 -17.29 34.33 -17.26
N HIS A 308 -16.00 34.26 -17.61
CA HIS A 308 -15.39 33.03 -18.04
C HIS A 308 -14.85 32.19 -16.82
N VAL A 309 -15.34 30.96 -16.65
CA VAL A 309 -14.80 30.04 -15.63
C VAL A 309 -14.04 28.96 -16.34
N PRO A 310 -12.72 28.85 -16.09
CA PRO A 310 -11.84 27.94 -16.88
C PRO A 310 -12.04 26.41 -16.69
N TYR A 311 -13.26 25.93 -16.53
CA TYR A 311 -13.51 24.49 -16.36
C TYR A 311 -12.82 23.61 -17.36
N ARG A 312 -12.90 24.00 -18.64
CA ARG A 312 -12.37 23.17 -19.67
C ARG A 312 -10.87 22.96 -19.59
N GLU A 313 -10.16 23.80 -18.86
CA GLU A 313 -8.68 23.74 -18.79
C GLU A 313 -8.07 22.55 -18.00
N SER A 314 -8.89 21.69 -17.39
CA SER A 314 -8.30 20.46 -16.89
C SER A 314 -9.32 19.34 -16.79
N LYS A 315 -8.84 18.13 -16.57
CA LYS A 315 -9.74 17.01 -16.43
C LYS A 315 -10.56 17.10 -15.18
N LEU A 316 -9.96 17.52 -14.07
CA LEU A 316 -10.63 17.48 -12.79
C LEU A 316 -11.84 18.42 -12.83
N THR A 317 -11.65 19.67 -13.29
CA THR A 317 -12.66 20.72 -13.25
C THR A 317 -13.70 20.46 -14.38
N ARG A 318 -13.31 19.75 -15.45
CA ARG A 318 -14.33 19.21 -16.37
C ARG A 318 -15.18 18.11 -15.70
N ILE A 319 -14.57 17.09 -15.15
CA ILE A 319 -15.30 16.05 -14.45
C ILE A 319 -16.21 16.71 -13.37
N LEU A 320 -15.72 17.71 -12.66
CA LEU A 320 -16.45 18.12 -11.50
C LEU A 320 -17.04 19.48 -11.62
N GLN A 321 -17.13 19.97 -12.87
CA GLN A 321 -17.79 21.20 -13.22
C GLN A 321 -19.14 21.55 -12.41
N ASP A 322 -20.01 20.58 -12.34
CA ASP A 322 -21.29 20.72 -11.60
C ASP A 322 -21.13 20.87 -10.07
N SER A 323 -20.02 20.44 -9.56
CA SER A 323 -19.70 20.71 -8.18
C SER A 323 -19.20 22.14 -7.85
N LEU A 324 -18.86 22.91 -8.89
CA LEU A 324 -18.27 24.14 -8.66
C LEU A 324 -19.08 25.30 -9.34
N GLY A 325 -20.01 25.89 -8.59
CA GLY A 325 -21.04 26.82 -9.19
C GLY A 325 -22.12 26.07 -9.98
N GLY A 326 -22.32 24.79 -9.70
CA GLY A 326 -23.26 23.99 -10.54
C GLY A 326 -24.45 23.59 -9.70
N ARG A 327 -25.12 22.52 -10.06
CA ARG A 327 -26.27 22.11 -9.25
C ARG A 327 -26.00 21.10 -8.10
N THR A 328 -24.72 20.91 -7.72
CA THR A 328 -24.39 19.88 -6.71
C THR A 328 -24.22 20.64 -5.37
N ARG A 329 -24.69 20.09 -4.22
CA ARG A 329 -24.39 20.68 -2.91
C ARG A 329 -22.92 20.35 -2.60
N THR A 330 -22.07 21.32 -2.34
CA THR A 330 -20.67 20.99 -2.32
C THR A 330 -20.05 21.43 -0.96
N SER A 331 -19.18 20.59 -0.36
CA SER A 331 -18.53 20.93 0.89
C SER A 331 -17.00 20.72 0.71
N ILE A 332 -16.21 21.57 1.35
CA ILE A 332 -14.78 21.40 1.42
C ILE A 332 -14.33 21.14 2.84
N ILE A 333 -13.57 20.07 3.03
CA ILE A 333 -12.84 19.87 4.31
C ILE A 333 -11.40 20.28 4.04
N ALA A 334 -10.96 21.34 4.66
CA ALA A 334 -9.59 21.75 4.55
C ALA A 334 -8.85 21.18 5.77
N THR A 335 -7.84 20.37 5.48
CA THR A 335 -7.04 19.73 6.51
C THR A 335 -5.76 20.52 6.77
N ILE A 336 -5.47 20.74 8.06
CA ILE A 336 -4.35 21.57 8.47
C ILE A 336 -3.54 20.84 9.54
N SER A 337 -2.36 21.33 9.81
CA SER A 337 -1.51 20.79 10.84
C SER A 337 -1.29 21.76 12.06
N PRO A 338 -1.12 21.19 13.26
CA PRO A 338 -0.85 21.98 14.51
C PRO A 338 0.64 22.50 14.63
N ALA A 339 1.54 21.97 13.83
CA ALA A 339 2.99 22.11 14.02
C ALA A 339 3.47 23.41 13.42
N SER A 340 4.47 24.04 14.06
CA SER A 340 4.90 25.35 13.63
C SER A 340 5.65 25.25 12.31
N LEU A 341 6.32 24.13 12.08
CA LEU A 341 7.01 23.78 10.82
C LEU A 341 6.12 24.06 9.58
N ASN A 342 4.83 23.80 9.73
CA ASN A 342 3.82 23.92 8.66
C ASN A 342 3.09 25.25 8.70
N LEU A 343 3.57 26.19 9.51
CA LEU A 343 2.90 27.51 9.55
C LEU A 343 2.52 27.99 8.15
N GLU A 344 3.49 28.13 7.25
CA GLU A 344 3.23 28.87 6.00
C GLU A 344 2.21 28.16 5.11
N GLU A 345 2.23 26.84 5.11
CA GLU A 345 1.31 26.02 4.30
C GLU A 345 -0.08 25.94 4.93
N THR A 346 -0.11 25.92 6.27
CA THR A 346 -1.36 26.02 7.01
C THR A 346 -2.13 27.31 6.70
N LEU A 347 -1.41 28.42 6.70
CA LEU A 347 -1.95 29.70 6.32
C LEU A 347 -2.49 29.75 4.91
N SER A 348 -1.74 29.13 3.99
CA SER A 348 -2.04 29.04 2.58
C SER A 348 -3.31 28.18 2.47
N THR A 349 -3.38 27.03 3.13
CA THR A 349 -4.66 26.25 3.14
C THR A 349 -5.92 27.05 3.61
N LEU A 350 -5.77 27.79 4.69
CA LEU A 350 -6.86 28.54 5.32
C LEU A 350 -7.28 29.72 4.52
N GLU A 351 -6.33 30.49 3.97
CA GLU A 351 -6.71 31.51 2.98
C GLU A 351 -7.46 30.94 1.77
N TYR A 352 -6.99 29.84 1.18
CA TYR A 352 -7.66 29.22 0.06
C TYR A 352 -9.03 28.77 0.40
N ALA A 353 -9.11 27.95 1.44
CA ALA A 353 -10.41 27.48 1.96
C ALA A 353 -11.37 28.66 2.26
N HIS A 354 -10.87 29.70 2.93
CA HIS A 354 -11.68 30.84 3.27
C HIS A 354 -12.30 31.56 2.05
N ARG A 355 -11.55 31.70 0.94
CA ARG A 355 -12.07 32.25 -0.34
C ARG A 355 -13.24 31.42 -0.80
N ALA A 356 -13.09 30.11 -0.73
CA ALA A 356 -14.08 29.16 -1.25
C ALA A 356 -15.52 29.35 -0.75
N LYS A 357 -15.67 29.87 0.47
CA LYS A 357 -16.99 30.05 1.11
C LYS A 357 -17.97 30.88 0.27
N ASN A 358 -17.42 31.74 -0.58
CA ASN A 358 -18.22 32.72 -1.33
C ASN A 358 -18.87 32.17 -2.58
N ILE A 359 -18.67 30.90 -2.88
CA ILE A 359 -19.07 30.36 -4.18
C ILE A 359 -20.52 29.90 -4.04
N LEU A 360 -21.41 30.33 -4.96
CA LEU A 360 -22.86 29.94 -4.93
C LEU A 360 -23.11 28.80 -5.91
N ASN A 361 -23.65 27.67 -5.40
CA ASN A 361 -24.13 26.45 -6.15
C ASN A 361 -25.63 26.46 -6.08
N LYS A 362 -26.35 25.61 -6.83
CA LYS A 362 -27.84 25.58 -6.75
C LYS A 362 -28.39 24.19 -7.04
N GLY B 16 30.33 -30.67 2.07
CA GLY B 16 29.68 -29.77 1.06
C GLY B 16 28.15 -29.60 1.20
N LYS B 17 27.61 -28.67 0.39
CA LYS B 17 26.18 -28.24 0.45
C LYS B 17 25.86 -27.20 -0.66
N ASN B 18 25.36 -27.66 -1.80
CA ASN B 18 24.87 -26.73 -2.81
C ASN B 18 23.67 -25.92 -2.35
N ILE B 19 23.55 -24.74 -2.92
CA ILE B 19 22.39 -23.89 -2.81
C ILE B 19 21.14 -24.58 -3.38
N GLN B 20 20.07 -24.62 -2.61
CA GLN B 20 18.86 -25.22 -3.07
C GLN B 20 18.16 -24.19 -3.97
N VAL B 21 17.78 -24.62 -5.18
CA VAL B 21 17.02 -23.82 -6.09
C VAL B 21 15.64 -24.43 -6.48
N VAL B 22 14.57 -23.70 -6.22
CA VAL B 22 13.22 -24.16 -6.60
C VAL B 22 12.57 -23.09 -7.47
N VAL B 23 11.58 -23.50 -8.25
CA VAL B 23 10.81 -22.59 -9.12
C VAL B 23 9.37 -22.60 -8.67
N ARG B 24 8.75 -21.40 -8.55
CA ARG B 24 7.31 -21.25 -8.39
C ARG B 24 6.73 -20.37 -9.51
N CYS B 25 5.83 -20.99 -10.27
CA CYS B 25 4.89 -20.29 -11.22
C CYS B 25 3.60 -19.68 -10.57
N ARG B 26 3.27 -18.40 -10.89
CA ARG B 26 2.05 -17.78 -10.34
C ARG B 26 0.82 -18.24 -11.15
N PRO B 27 -0.39 -18.16 -10.56
CA PRO B 27 -1.57 -18.33 -11.35
C PRO B 27 -1.98 -17.02 -12.10
N PHE B 28 -2.92 -17.21 -13.03
CA PHE B 28 -3.47 -16.13 -13.84
C PHE B 28 -4.35 -15.26 -12.97
N ASN B 29 -4.31 -13.97 -13.23
CA ASN B 29 -5.21 -13.05 -12.55
C ASN B 29 -6.63 -13.06 -13.24
N LEU B 30 -7.57 -12.22 -12.79
CA LEU B 30 -8.91 -12.16 -13.38
C LEU B 30 -8.77 -11.75 -14.80
N ALA B 31 -8.21 -10.54 -15.02
CA ALA B 31 -8.04 -9.94 -16.34
C ALA B 31 -7.44 -10.90 -17.40
N GLU B 32 -6.68 -11.90 -16.93
CA GLU B 32 -6.09 -12.96 -17.76
C GLU B 32 -7.06 -14.09 -18.03
N ARG B 33 -7.81 -14.53 -17.01
CA ARG B 33 -8.79 -15.62 -17.09
C ARG B 33 -9.87 -15.38 -18.15
N LYS B 34 -10.52 -14.20 -18.09
CA LYS B 34 -11.58 -13.78 -19.05
C LYS B 34 -11.01 -13.23 -20.38
N ALA B 35 -9.68 -13.21 -20.48
CA ALA B 35 -8.98 -13.06 -21.74
C ALA B 35 -8.62 -14.48 -22.23
N SER B 36 -9.02 -15.46 -21.40
CA SER B 36 -8.97 -16.88 -21.71
C SER B 36 -7.55 -17.33 -21.99
N ALA B 37 -6.59 -16.79 -21.21
CA ALA B 37 -5.15 -17.09 -21.44
C ALA B 37 -4.89 -18.54 -21.09
N HIS B 38 -4.07 -19.18 -21.91
CA HIS B 38 -3.49 -20.43 -21.47
C HIS B 38 -1.97 -20.43 -21.33
N SER B 39 -1.51 -21.27 -20.42
CA SER B 39 -0.14 -21.27 -19.91
C SER B 39 0.89 -21.85 -20.89
N ILE B 40 2.05 -21.17 -20.92
CA ILE B 40 3.25 -21.69 -21.53
C ILE B 40 4.17 -22.52 -20.58
N VAL B 41 3.74 -22.66 -19.34
CA VAL B 41 4.49 -23.36 -18.28
C VAL B 41 3.84 -24.66 -17.71
N GLU B 42 4.54 -25.77 -17.87
CA GLU B 42 4.21 -27.05 -17.22
C GLU B 42 5.22 -27.35 -16.14
N CYS B 43 4.71 -27.62 -14.94
CA CYS B 43 5.54 -27.97 -13.81
C CYS B 43 5.32 -29.44 -13.48
N ASP B 44 6.40 -30.20 -13.41
CA ASP B 44 6.28 -31.59 -13.00
C ASP B 44 6.95 -31.82 -11.64
N PRO B 45 6.14 -31.89 -10.58
CA PRO B 45 6.71 -31.84 -9.23
C PRO B 45 7.42 -33.11 -8.82
N VAL B 46 7.14 -34.24 -9.48
CA VAL B 46 7.77 -35.50 -9.11
C VAL B 46 9.04 -35.70 -9.92
N ARG B 47 8.99 -35.31 -11.20
CA ARG B 47 10.20 -35.18 -11.98
C ARG B 47 10.99 -33.91 -11.62
N LYS B 48 10.37 -32.95 -10.92
CA LYS B 48 11.04 -31.68 -10.52
C LYS B 48 11.51 -30.88 -11.76
N GLU B 49 10.60 -30.75 -12.71
CA GLU B 49 10.91 -30.24 -14.02
C GLU B 49 9.94 -29.11 -14.32
N VAL B 50 10.44 -28.05 -14.92
CA VAL B 50 9.56 -27.01 -15.38
C VAL B 50 9.79 -26.92 -16.87
N SER B 51 8.71 -26.89 -17.64
CA SER B 51 8.79 -26.97 -19.11
C SER B 51 8.08 -25.79 -19.72
N VAL B 52 8.77 -25.08 -20.60
CA VAL B 52 8.23 -23.86 -21.17
C VAL B 52 8.02 -23.99 -22.69
N ARG B 53 6.83 -23.63 -23.16
CA ARG B 53 6.52 -23.56 -24.60
C ARG B 53 7.14 -22.28 -25.19
N THR B 54 8.18 -22.47 -26.00
CA THR B 54 8.87 -21.36 -26.68
C THR B 54 8.22 -20.93 -28.00
N GLY B 55 8.23 -21.82 -28.99
CA GLY B 55 7.61 -21.57 -30.30
C GLY B 55 6.55 -22.58 -30.72
N GLY B 56 5.86 -22.30 -31.83
CA GLY B 56 4.83 -23.16 -32.41
C GLY B 56 3.71 -23.52 -31.44
N LEU B 57 2.58 -23.97 -31.99
CA LEU B 57 1.38 -24.34 -31.22
C LEU B 57 1.57 -25.71 -30.55
N ALA B 58 0.52 -26.19 -29.90
CA ALA B 58 0.47 -27.55 -29.36
C ALA B 58 0.78 -28.67 -30.38
N ASP B 59 0.33 -28.50 -31.64
CA ASP B 59 0.50 -29.46 -32.78
C ASP B 59 1.95 -29.85 -33.10
N LYS B 60 2.79 -28.82 -33.17
CA LYS B 60 4.20 -28.90 -33.46
C LYS B 60 4.77 -27.70 -32.72
N SER B 61 5.65 -27.96 -31.75
CA SER B 61 6.10 -26.94 -30.81
C SER B 61 7.53 -27.22 -30.34
N SER B 62 8.25 -26.14 -29.98
CA SER B 62 9.57 -26.23 -29.28
C SER B 62 9.31 -26.05 -27.79
N ARG B 63 10.16 -26.65 -26.97
CA ARG B 63 10.01 -26.52 -25.51
C ARG B 63 11.36 -26.47 -24.88
N LYS B 64 11.48 -25.73 -23.77
CA LYS B 64 12.69 -25.73 -22.93
C LYS B 64 12.36 -26.34 -21.55
N THR B 65 13.14 -27.33 -21.11
CA THR B 65 12.87 -27.98 -19.81
C THR B 65 14.05 -27.93 -18.80
N TYR B 66 13.73 -27.68 -17.54
CA TYR B 66 14.80 -27.48 -16.58
C TYR B 66 14.50 -28.36 -15.41
N THR B 67 15.51 -28.97 -14.82
CA THR B 67 15.39 -29.57 -13.51
C THR B 67 15.90 -28.64 -12.39
N PHE B 68 15.08 -28.53 -11.34
CA PHE B 68 15.47 -27.80 -10.12
C PHE B 68 15.27 -28.73 -8.95
N ASP B 69 15.66 -28.26 -7.77
CA ASP B 69 15.44 -29.00 -6.53
C ASP B 69 13.97 -29.30 -6.23
N MET B 70 13.08 -28.32 -6.39
CA MET B 70 11.65 -28.55 -6.38
C MET B 70 11.04 -27.60 -7.40
N VAL B 71 9.78 -27.84 -7.75
CA VAL B 71 8.94 -26.95 -8.62
C VAL B 71 7.52 -26.81 -8.10
N PHE B 72 6.99 -25.59 -8.10
CA PHE B 72 5.71 -25.27 -7.54
C PHE B 72 4.86 -24.64 -8.66
N GLY B 73 3.77 -25.32 -9.04
CA GLY B 73 3.04 -24.94 -10.26
C GLY B 73 2.04 -23.94 -9.83
N ALA B 74 1.28 -23.42 -10.80
CA ALA B 74 0.49 -22.23 -10.52
C ALA B 74 -0.56 -22.47 -9.43
N SER B 75 -0.91 -23.73 -9.21
CA SER B 75 -1.95 -24.07 -8.20
C SER B 75 -1.35 -24.39 -6.79
N THR B 76 -0.01 -24.33 -6.67
CA THR B 76 0.67 -24.51 -5.36
C THR B 76 0.11 -23.47 -4.41
N LYS B 77 -0.26 -23.85 -3.20
CA LYS B 77 -0.65 -22.91 -2.17
C LYS B 77 0.55 -22.50 -1.31
N GLN B 78 0.35 -21.47 -0.47
CA GLN B 78 1.32 -20.90 0.42
C GLN B 78 1.79 -21.93 1.42
N ILE B 79 0.87 -22.68 2.03
CA ILE B 79 1.28 -23.73 3.00
C ILE B 79 2.15 -24.89 2.39
N ASP B 80 1.95 -25.25 1.11
CA ASP B 80 2.74 -26.22 0.37
C ASP B 80 4.18 -25.69 0.25
N VAL B 81 4.31 -24.39 -0.06
CA VAL B 81 5.66 -23.76 -0.09
C VAL B 81 6.27 -23.72 1.29
N TYR B 82 5.47 -23.46 2.30
CA TYR B 82 6.04 -23.34 3.61
C TYR B 82 6.49 -24.74 4.14
N ARG B 83 5.64 -25.75 3.93
CA ARG B 83 5.94 -27.14 4.38
C ARG B 83 7.21 -27.68 3.69
N SER B 84 7.26 -27.50 2.38
CA SER B 84 8.31 -28.01 1.55
C SER B 84 9.60 -27.30 1.67
N VAL B 85 9.58 -25.99 1.63
CA VAL B 85 10.87 -25.36 1.66
C VAL B 85 11.22 -24.74 2.95
N VAL B 86 10.26 -24.11 3.60
CA VAL B 86 10.64 -23.40 4.79
C VAL B 86 10.77 -24.27 6.04
N CYS B 87 9.81 -25.16 6.36
CA CYS B 87 9.94 -25.99 7.61
C CYS B 87 11.35 -26.56 7.89
N PRO B 88 11.92 -27.33 6.94
CA PRO B 88 13.30 -27.82 7.02
C PRO B 88 14.42 -26.76 7.21
N ILE B 89 14.25 -25.57 6.61
CA ILE B 89 15.16 -24.45 6.88
C ILE B 89 15.08 -23.93 8.32
N LEU B 90 13.87 -23.73 8.82
CA LEU B 90 13.66 -23.23 10.15
C LEU B 90 14.22 -24.20 11.21
N ASP B 91 13.96 -25.50 11.06
CA ASP B 91 14.70 -26.57 11.82
C ASP B 91 16.21 -26.32 11.84
N GLU B 92 16.78 -26.05 10.66
CA GLU B 92 18.21 -25.76 10.57
C GLU B 92 18.59 -24.49 11.32
N VAL B 93 17.69 -23.50 11.28
CA VAL B 93 17.89 -22.25 12.02
C VAL B 93 17.91 -22.49 13.54
N ILE B 94 16.94 -23.26 14.00
CA ILE B 94 16.77 -23.63 15.42
C ILE B 94 17.93 -24.53 15.93
N MET B 95 18.54 -25.32 15.07
CA MET B 95 19.81 -25.98 15.46
C MET B 95 21.07 -25.05 15.47
N GLY B 96 20.87 -23.74 15.23
CA GLY B 96 21.92 -22.71 15.37
C GLY B 96 22.75 -22.41 14.11
N TYR B 97 22.18 -22.72 12.95
CA TYR B 97 22.80 -22.33 11.67
C TYR B 97 22.13 -21.06 11.13
N ASN B 98 22.87 -20.37 10.27
CA ASN B 98 22.31 -19.28 9.50
C ASN B 98 21.72 -19.78 8.17
N CYS B 99 20.63 -19.21 7.75
CA CYS B 99 19.95 -19.63 6.53
C CYS B 99 19.45 -18.38 5.80
N THR B 100 19.41 -18.44 4.50
CA THR B 100 18.90 -17.32 3.72
C THR B 100 18.00 -17.90 2.66
N ILE B 101 16.82 -17.35 2.52
CA ILE B 101 16.04 -17.60 1.33
C ILE B 101 15.89 -16.28 0.49
N PHE B 102 16.23 -16.36 -0.80
CA PHE B 102 16.02 -15.29 -1.74
C PHE B 102 14.84 -15.65 -2.58
N ALA B 103 14.10 -14.63 -2.97
CA ALA B 103 13.11 -14.66 -4.07
C ALA B 103 13.70 -13.84 -5.22
N TYR B 104 13.74 -14.40 -6.41
CA TYR B 104 14.31 -13.81 -7.62
C TYR B 104 13.33 -13.99 -8.79
N GLY B 105 13.07 -12.95 -9.59
CA GLY B 105 12.11 -13.09 -10.71
C GLY B 105 11.64 -11.74 -11.14
N GLN B 106 10.99 -11.67 -12.29
CA GLN B 106 10.54 -10.39 -12.82
C GLN B 106 9.38 -9.82 -11.97
N THR B 107 9.28 -8.50 -11.92
CA THR B 107 8.14 -7.84 -11.34
C THR B 107 6.87 -8.48 -11.92
N GLY B 108 5.89 -8.69 -11.06
CA GLY B 108 4.76 -9.37 -11.49
C GLY B 108 4.61 -10.83 -11.14
N THR B 109 5.67 -11.54 -10.73
CA THR B 109 5.63 -12.99 -10.72
C THR B 109 5.38 -13.64 -9.33
N GLY B 110 5.28 -12.87 -8.26
CA GLY B 110 5.09 -13.45 -6.95
C GLY B 110 6.23 -13.41 -5.92
N LYS B 111 7.34 -12.68 -6.13
CA LYS B 111 8.32 -12.57 -5.05
C LYS B 111 7.73 -12.14 -3.74
N THR B 112 6.95 -11.06 -3.73
CA THR B 112 6.47 -10.52 -2.47
C THR B 112 5.30 -11.38 -1.85
N PHE B 113 4.47 -11.91 -2.76
CA PHE B 113 3.42 -12.91 -2.42
C PHE B 113 4.02 -14.13 -1.71
N THR B 114 5.13 -14.65 -2.23
CA THR B 114 5.79 -15.74 -1.61
C THR B 114 6.36 -15.39 -0.24
N MET B 115 7.10 -14.29 -0.18
CA MET B 115 7.80 -13.93 1.00
C MET B 115 6.92 -13.38 2.11
N GLU B 116 5.90 -12.60 1.69
CA GLU B 116 5.05 -11.91 2.62
C GLU B 116 3.60 -12.45 2.61
N GLY B 117 3.08 -12.60 1.41
CA GLY B 117 1.65 -12.76 1.16
C GLY B 117 0.76 -11.57 1.47
N GLU B 118 -0.53 -11.83 1.28
CA GLU B 118 -1.58 -10.84 1.44
C GLU B 118 -2.70 -11.43 2.28
N ARG B 119 -3.72 -10.63 2.50
CA ARG B 119 -4.82 -10.97 3.37
C ARG B 119 -5.95 -11.46 2.47
N SER B 120 -6.60 -12.55 2.93
CA SER B 120 -7.81 -13.07 2.24
C SER B 120 -8.87 -12.01 2.30
N PRO B 121 -9.53 -11.76 1.18
CA PRO B 121 -10.53 -10.68 1.07
C PRO B 121 -11.59 -10.67 2.22
N ASN B 122 -12.15 -9.49 2.51
CA ASN B 122 -13.32 -9.39 3.36
C ASN B 122 -13.18 -9.91 4.81
N GLU B 123 -12.00 -9.71 5.41
CA GLU B 123 -11.65 -10.11 6.77
C GLU B 123 -12.07 -11.55 7.14
N GLU B 124 -11.99 -12.45 6.18
CA GLU B 124 -12.39 -13.81 6.36
C GLU B 124 -11.62 -14.44 7.52
N TYR B 125 -10.29 -14.29 7.52
CA TYR B 125 -9.44 -14.95 8.51
C TYR B 125 -8.72 -13.99 9.46
N THR B 126 -8.24 -14.51 10.59
CA THR B 126 -7.22 -13.82 11.32
C THR B 126 -5.90 -14.01 10.61
N TRP B 127 -4.90 -13.30 11.05
CA TRP B 127 -3.66 -13.34 10.31
C TRP B 127 -3.07 -14.75 10.37
N GLU B 128 -3.02 -15.30 11.57
CA GLU B 128 -2.38 -16.57 11.77
C GLU B 128 -3.07 -17.71 11.06
N GLU B 129 -4.33 -17.51 10.71
CA GLU B 129 -5.11 -18.53 10.07
C GLU B 129 -5.19 -18.35 8.58
N ASP B 130 -4.69 -17.23 8.07
CA ASP B 130 -4.87 -16.85 6.66
C ASP B 130 -4.07 -17.75 5.71
N PRO B 131 -4.75 -18.43 4.76
CA PRO B 131 -4.15 -19.31 3.80
C PRO B 131 -3.20 -18.58 2.87
N LEU B 132 -3.36 -17.24 2.78
CA LEU B 132 -2.64 -16.41 1.82
C LEU B 132 -1.36 -15.87 2.45
N ALA B 133 -1.23 -16.06 3.76
CA ALA B 133 0.02 -15.80 4.47
C ALA B 133 1.24 -16.43 3.78
N GLY B 134 2.33 -15.65 3.72
CA GLY B 134 3.55 -16.09 3.09
C GLY B 134 4.58 -16.44 4.11
N ILE B 135 5.82 -16.56 3.67
CA ILE B 135 6.88 -17.19 4.45
C ILE B 135 7.14 -16.50 5.76
N ILE B 136 7.17 -15.15 5.71
CA ILE B 136 7.55 -14.37 6.89
C ILE B 136 6.56 -14.55 8.05
N PRO B 137 5.25 -14.32 7.82
CA PRO B 137 4.40 -14.48 9.00
C PRO B 137 4.34 -15.94 9.52
N ARG B 138 4.36 -16.89 8.61
CA ARG B 138 4.39 -18.35 8.93
C ARG B 138 5.54 -18.65 9.81
N THR B 139 6.71 -18.16 9.41
CA THR B 139 7.94 -18.41 10.12
C THR B 139 7.96 -17.91 11.55
N LEU B 140 7.54 -16.67 11.74
CA LEU B 140 7.55 -16.04 13.04
C LEU B 140 6.54 -16.83 13.89
N HIS B 141 5.37 -17.10 13.35
CA HIS B 141 4.35 -17.90 14.06
C HIS B 141 4.86 -19.31 14.56
N GLN B 142 5.50 -20.07 13.67
CA GLN B 142 6.01 -21.38 13.98
C GLN B 142 7.17 -21.40 14.93
N ILE B 143 8.03 -20.39 14.89
CA ILE B 143 9.15 -20.36 15.84
C ILE B 143 8.63 -20.47 17.30
N PHE B 144 7.52 -19.82 17.60
CA PHE B 144 6.98 -19.85 18.99
C PHE B 144 6.36 -21.24 19.33
N GLU B 145 5.78 -21.92 18.32
CA GLU B 145 5.30 -23.29 18.48
C GLU B 145 6.49 -24.20 18.69
N LYS B 146 7.31 -24.32 17.66
CA LYS B 146 8.41 -25.26 17.69
C LYS B 146 9.14 -25.19 19.05
N LEU B 147 9.20 -23.99 19.66
CA LEU B 147 10.05 -23.76 20.84
C LEU B 147 9.23 -23.57 22.13
N THR B 148 7.97 -23.99 22.08
CA THR B 148 7.07 -23.66 23.19
C THR B 148 7.42 -24.23 24.58
N ASP B 149 7.91 -25.46 24.62
CA ASP B 149 8.13 -26.09 25.91
C ASP B 149 9.14 -27.24 25.83
N ASN B 150 10.16 -27.07 24.99
CA ASN B 150 11.15 -28.08 24.72
C ASN B 150 12.51 -28.04 25.53
N GLY B 151 12.64 -27.10 26.47
CA GLY B 151 13.84 -26.97 27.28
C GLY B 151 14.79 -25.84 26.80
N THR B 152 14.59 -25.36 25.58
CA THR B 152 15.41 -24.28 25.00
C THR B 152 14.78 -22.92 25.38
N GLU B 153 15.43 -22.14 26.26
CA GLU B 153 14.96 -20.76 26.46
C GLU B 153 15.44 -19.97 25.25
N PHE B 154 14.61 -19.04 24.79
CA PHE B 154 14.90 -18.28 23.52
C PHE B 154 14.33 -16.81 23.45
N SER B 155 14.96 -16.02 22.59
CA SER B 155 14.40 -14.66 22.26
C SER B 155 14.38 -14.56 20.74
N VAL B 156 13.36 -13.88 20.22
CA VAL B 156 13.22 -13.57 18.81
C VAL B 156 13.37 -12.08 18.61
N LYS B 157 14.33 -11.71 17.78
CA LYS B 157 14.52 -10.31 17.29
C LYS B 157 14.37 -10.22 15.76
N VAL B 158 13.61 -9.22 15.29
CA VAL B 158 13.52 -8.91 13.84
C VAL B 158 14.11 -7.53 13.37
N SER B 159 14.58 -7.50 12.14
CA SER B 159 15.07 -6.27 11.53
C SER B 159 14.64 -6.27 10.07
N LEU B 160 14.43 -5.06 9.54
CA LEU B 160 14.14 -4.91 8.17
C LEU B 160 14.93 -3.79 7.49
N LEU B 161 15.99 -4.22 6.80
CA LEU B 161 16.88 -3.41 6.01
C LEU B 161 16.51 -3.52 4.54
N GLU B 162 16.37 -2.40 3.86
CA GLU B 162 16.06 -2.42 2.45
C GLU B 162 17.06 -1.50 1.71
N ILE B 163 17.33 -1.83 0.48
CA ILE B 163 18.33 -1.12 -0.32
C ILE B 163 17.63 -0.58 -1.51
N TYR B 164 17.83 0.71 -1.78
CA TYR B 164 17.15 1.34 -2.94
C TYR B 164 18.18 2.32 -3.45
N ASN B 165 18.63 2.12 -4.67
CA ASN B 165 19.64 2.98 -5.25
C ASN B 165 20.90 3.02 -4.41
N GLU B 166 21.23 1.88 -3.79
CA GLU B 166 22.45 1.74 -3.02
C GLU B 166 22.44 2.53 -1.73
N GLU B 167 21.27 2.97 -1.25
CA GLU B 167 21.17 3.58 0.04
C GLU B 167 20.41 2.61 0.95
N LEU B 168 20.63 2.75 2.26
CA LEU B 168 20.05 1.80 3.22
C LEU B 168 18.98 2.44 4.05
N PHE B 169 17.87 1.71 4.21
CA PHE B 169 16.71 2.21 4.95
C PHE B 169 16.25 1.14 5.94
N ASP B 170 15.79 1.61 7.08
CA ASP B 170 15.26 0.78 8.16
C ASP B 170 13.73 0.89 8.07
N LEU B 171 13.05 -0.17 7.70
CA LEU B 171 11.62 -0.11 7.54
C LEU B 171 10.88 -0.55 8.80
N LEU B 172 11.59 -0.61 9.93
CA LEU B 172 10.90 -1.08 11.16
C LEU B 172 10.89 -0.17 12.36
N ASN B 173 11.78 0.81 12.36
CA ASN B 173 12.03 1.81 13.39
C ASN B 173 11.08 3.04 13.44
N PRO B 174 10.18 3.09 14.47
CA PRO B 174 9.12 4.10 14.54
C PRO B 174 9.51 5.44 15.19
N SER B 175 10.79 5.63 15.52
CA SER B 175 11.33 6.94 15.90
C SER B 175 11.57 7.74 14.62
N SER B 176 12.80 7.68 14.13
CA SER B 176 13.16 8.30 12.86
C SER B 176 12.27 7.73 11.73
N ASP B 177 12.14 8.49 10.65
CA ASP B 177 11.25 8.10 9.56
C ASP B 177 12.04 7.47 8.38
N VAL B 178 11.27 6.89 7.46
CA VAL B 178 11.79 6.06 6.38
C VAL B 178 12.98 6.64 5.60
N SER B 179 12.91 7.90 5.20
CA SER B 179 13.91 8.44 4.26
C SER B 179 15.27 8.71 4.93
N GLU B 180 15.35 8.51 6.23
CA GLU B 180 16.66 8.59 6.88
C GLU B 180 17.56 7.37 6.49
N ARG B 181 18.66 7.63 5.82
CA ARG B 181 19.57 6.55 5.40
C ARG B 181 20.59 6.13 6.47
N LEU B 182 21.00 4.87 6.40
CA LEU B 182 21.96 4.24 7.33
C LEU B 182 23.31 4.11 6.69
N GLN B 183 24.30 3.87 7.54
CA GLN B 183 25.67 3.71 7.12
C GLN B 183 26.10 2.32 7.56
N MET B 184 26.98 1.74 6.76
CA MET B 184 27.37 0.39 6.88
C MET B 184 28.87 0.45 7.03
N PHE B 185 29.41 -0.42 7.86
CA PHE B 185 30.83 -0.57 8.02
C PHE B 185 31.19 -2.03 8.19
N ASP B 186 32.46 -2.31 8.03
CA ASP B 186 33.01 -3.63 8.35
C ASP B 186 33.00 -3.97 9.83
N ASP B 187 32.83 -5.26 10.08
CA ASP B 187 32.75 -5.76 11.43
C ASP B 187 34.16 -6.19 11.82
N PRO B 188 34.75 -5.51 12.82
CA PRO B 188 36.17 -5.73 13.14
C PRO B 188 36.45 -7.13 13.71
N ARG B 189 35.49 -7.67 14.45
CA ARG B 189 35.58 -8.99 15.05
C ARG B 189 35.18 -10.13 14.10
N ASN B 190 34.88 -9.81 12.83
CA ASN B 190 34.26 -10.78 11.88
C ASN B 190 34.54 -10.43 10.42
N LYS B 191 35.07 -11.38 9.63
CA LYS B 191 35.54 -11.03 8.26
C LYS B 191 34.54 -10.99 7.08
N ARG B 192 33.57 -11.90 7.08
CA ARG B 192 32.51 -11.84 6.06
C ARG B 192 31.35 -10.88 6.44
N GLY B 193 31.60 -10.02 7.44
CA GLY B 193 30.55 -9.27 8.13
C GLY B 193 30.63 -7.74 8.14
N VAL B 194 29.47 -7.16 8.41
CA VAL B 194 29.25 -5.71 8.40
C VAL B 194 28.46 -5.33 9.64
N ILE B 195 28.65 -4.10 10.11
CA ILE B 195 27.83 -3.47 11.10
C ILE B 195 27.00 -2.41 10.40
N ILE B 196 25.69 -2.45 10.59
CA ILE B 196 24.79 -1.41 10.07
C ILE B 196 24.32 -0.54 11.20
N LYS B 197 24.90 0.67 11.30
CA LYS B 197 24.56 1.64 12.34
C LYS B 197 23.11 2.10 12.34
N GLY B 198 22.42 1.86 13.45
CA GLY B 198 21.07 2.40 13.66
C GLY B 198 19.94 1.54 13.15
N LEU B 199 20.28 0.38 12.61
CA LEU B 199 19.29 -0.57 12.17
C LEU B 199 18.60 -1.07 13.44
N GLU B 200 17.29 -0.87 13.55
CA GLU B 200 16.55 -1.36 14.72
C GLU B 200 16.27 -2.86 14.73
N GLU B 201 16.57 -3.53 15.83
CA GLU B 201 16.11 -4.90 16.06
C GLU B 201 14.97 -4.84 17.04
N ILE B 202 13.79 -5.26 16.60
CA ILE B 202 12.60 -5.32 17.45
C ILE B 202 12.50 -6.72 18.08
N THR B 203 12.30 -6.70 19.38
CA THR B 203 12.18 -7.93 20.18
C THR B 203 10.76 -8.44 19.97
N VAL B 204 10.59 -9.63 19.41
CA VAL B 204 9.24 -10.18 19.30
C VAL B 204 9.07 -11.09 20.55
N HIS B 205 8.30 -10.61 21.53
CA HIS B 205 8.19 -11.24 22.88
C HIS B 205 7.27 -12.45 22.85
N ASN B 206 6.25 -12.41 22.01
CA ASN B 206 5.41 -13.57 21.81
C ASN B 206 4.75 -13.50 20.44
N LYS B 207 3.98 -14.54 20.15
CA LYS B 207 3.33 -14.75 18.88
C LYS B 207 2.28 -13.65 18.64
N ASP B 208 1.73 -13.07 19.71
CA ASP B 208 0.69 -12.04 19.52
C ASP B 208 1.21 -10.60 19.36
N GLU B 209 2.53 -10.42 19.38
CA GLU B 209 3.11 -9.10 19.01
C GLU B 209 3.47 -9.11 17.51
N VAL B 210 3.36 -10.29 16.85
CA VAL B 210 3.81 -10.40 15.46
C VAL B 210 3.18 -9.38 14.50
N TYR B 211 1.84 -9.42 14.36
CA TYR B 211 1.13 -8.71 13.32
C TYR B 211 1.36 -7.17 13.37
N GLN B 212 1.24 -6.60 14.58
CA GLN B 212 1.48 -5.17 14.80
C GLN B 212 2.89 -4.68 14.45
N ILE B 213 3.92 -5.49 14.76
CA ILE B 213 5.30 -5.21 14.28
C ILE B 213 5.31 -5.06 12.75
N LEU B 214 4.71 -6.02 12.06
CA LEU B 214 4.60 -6.03 10.59
C LEU B 214 3.83 -4.81 10.01
N GLU B 215 2.66 -4.50 10.60
CA GLU B 215 1.87 -3.31 10.20
C GLU B 215 2.65 -2.04 10.23
N LYS B 216 3.46 -1.81 11.28
CA LYS B 216 4.31 -0.63 11.32
C LYS B 216 5.27 -0.57 10.13
N GLY B 217 5.86 -1.70 9.76
CA GLY B 217 6.72 -1.74 8.61
C GLY B 217 5.94 -1.47 7.33
N ALA B 218 4.79 -2.11 7.21
CA ALA B 218 3.95 -1.90 6.02
C ALA B 218 3.58 -0.43 5.86
N ALA B 219 3.33 0.29 6.97
CA ALA B 219 3.10 1.77 6.89
C ALA B 219 4.32 2.54 6.37
N LYS B 220 5.49 2.05 6.72
CA LYS B 220 6.73 2.70 6.39
C LYS B 220 6.94 2.42 4.90
N ARG B 221 6.54 1.23 4.45
CA ARG B 221 6.60 0.88 3.03
C ARG B 221 5.81 1.87 2.14
N THR B 222 4.58 2.24 2.54
CA THR B 222 3.78 3.24 1.78
C THR B 222 4.47 4.60 1.62
N THR B 223 5.05 5.13 2.69
CA THR B 223 5.80 6.35 2.63
C THR B 223 7.04 6.27 1.74
N ALA B 224 7.79 5.18 1.81
CA ALA B 224 8.96 5.02 0.93
C ALA B 224 8.52 5.04 -0.49
N ALA B 225 7.45 4.29 -0.79
CA ALA B 225 6.88 4.24 -2.17
C ALA B 225 6.45 5.61 -2.78
N THR B 226 5.91 6.47 -1.93
CA THR B 226 5.48 7.81 -2.27
C THR B 226 6.75 8.62 -2.57
N LEU B 227 7.77 8.47 -1.72
CA LEU B 227 9.01 9.19 -1.86
C LEU B 227 9.99 8.77 -2.97
N MET B 228 10.01 7.50 -3.34
CA MET B 228 11.10 7.00 -4.19
C MET B 228 10.44 6.35 -5.31
N ASN B 229 10.99 6.56 -6.52
CA ASN B 229 10.44 6.09 -7.79
C ASN B 229 10.56 4.56 -7.89
N ALA B 230 9.51 3.88 -8.37
CA ALA B 230 9.32 2.47 -8.40
C ALA B 230 9.90 1.76 -7.18
N TYR B 231 9.65 2.28 -5.98
CA TYR B 231 10.24 1.74 -4.73
C TYR B 231 10.16 0.24 -4.57
N SER B 232 8.90 -0.24 -4.65
CA SER B 232 8.54 -1.67 -4.50
C SER B 232 9.22 -2.66 -5.52
N SER B 233 9.59 -2.16 -6.73
CA SER B 233 10.16 -2.98 -7.82
C SER B 233 11.68 -2.95 -7.82
N ARG B 234 12.22 -1.77 -7.40
CA ARG B 234 13.66 -1.51 -7.46
C ARG B 234 14.42 -1.77 -6.21
N SER B 235 13.72 -1.67 -5.07
CA SER B 235 14.36 -1.97 -3.80
C SER B 235 14.65 -3.50 -3.62
N HIS B 236 15.60 -3.81 -2.74
CA HIS B 236 15.76 -5.16 -2.25
C HIS B 236 15.48 -5.08 -0.74
N SER B 237 14.74 -6.03 -0.14
CA SER B 237 14.49 -6.00 1.30
C SER B 237 15.06 -7.23 1.93
N VAL B 238 15.65 -7.07 3.12
CA VAL B 238 16.20 -8.21 3.87
C VAL B 238 15.45 -8.20 5.21
N PHE B 239 14.48 -9.09 5.37
CA PHE B 239 13.81 -9.31 6.65
C PHE B 239 14.63 -10.34 7.42
N SER B 240 15.26 -9.89 8.53
CA SER B 240 16.09 -10.80 9.37
C SER B 240 15.34 -11.23 10.64
N VAL B 241 15.44 -12.51 11.02
CA VAL B 241 14.96 -13.00 12.34
C VAL B 241 16.08 -13.74 13.03
N THR B 242 16.46 -13.27 14.21
CA THR B 242 17.51 -13.86 15.01
C THR B 242 16.90 -14.55 16.28
N ILE B 243 17.18 -15.84 16.48
CA ILE B 243 16.62 -16.58 17.63
C ILE B 243 17.84 -16.89 18.46
N HIS B 244 17.94 -16.29 19.66
CA HIS B 244 19.08 -16.55 20.60
C HIS B 244 18.56 -17.68 21.48
N MET B 245 19.29 -18.80 21.52
CA MET B 245 18.81 -20.00 22.28
C MET B 245 19.76 -20.51 23.38
N LYS B 246 19.16 -20.97 24.50
CA LYS B 246 19.95 -21.58 25.58
C LYS B 246 19.30 -22.87 26.07
N GLU B 247 20.02 -23.99 25.94
CA GLU B 247 19.60 -25.29 26.57
C GLU B 247 20.27 -25.44 27.90
N THR B 248 19.58 -26.07 28.86
CA THR B 248 20.26 -26.51 30.06
C THR B 248 20.25 -28.03 30.10
N THR B 249 21.44 -28.63 30.20
CA THR B 249 21.57 -30.09 30.37
C THR B 249 21.14 -30.54 31.76
N ILE B 250 20.95 -31.85 31.94
CA ILE B 250 20.62 -32.50 33.27
C ILE B 250 21.66 -32.14 34.36
N ASP B 251 22.85 -31.70 33.90
CA ASP B 251 24.02 -31.35 34.75
C ASP B 251 24.15 -29.84 35.07
N GLY B 252 23.14 -29.08 34.65
CA GLY B 252 23.07 -27.67 34.89
C GLY B 252 23.86 -26.79 33.93
N GLU B 253 24.66 -27.39 33.06
CA GLU B 253 25.40 -26.64 32.02
C GLU B 253 24.45 -26.04 30.95
N GLU B 254 24.84 -24.85 30.50
CA GLU B 254 24.03 -24.08 29.58
C GLU B 254 24.67 -24.19 28.22
N LEU B 255 23.86 -24.58 27.23
CA LEU B 255 24.34 -24.65 25.86
C LEU B 255 23.70 -23.49 25.09
N VAL B 256 24.56 -22.80 24.34
CA VAL B 256 24.16 -21.61 23.57
C VAL B 256 24.08 -21.96 22.09
N LYS B 257 22.97 -21.55 21.44
CA LYS B 257 22.97 -21.50 19.98
C LYS B 257 22.23 -20.25 19.44
N ILE B 258 22.70 -19.73 18.32
CA ILE B 258 22.11 -18.53 17.77
C ILE B 258 21.74 -18.90 16.36
N GLY B 259 20.50 -18.71 16.01
CA GLY B 259 20.09 -18.96 14.62
C GLY B 259 19.68 -17.68 13.91
N LYS B 260 20.17 -17.49 12.69
CA LYS B 260 19.67 -16.36 11.90
C LYS B 260 19.01 -16.78 10.55
N LEU B 261 17.87 -16.16 10.24
CA LEU B 261 17.23 -16.35 8.96
C LEU B 261 17.06 -14.98 8.22
N ASN B 262 17.55 -14.91 6.97
CA ASN B 262 17.33 -13.73 6.10
C ASN B 262 16.34 -14.13 5.02
N LEU B 263 15.21 -13.44 4.95
CA LEU B 263 14.26 -13.51 3.86
C LEU B 263 14.44 -12.31 3.02
N VAL B 264 14.91 -12.54 1.81
CA VAL B 264 15.40 -11.42 0.99
C VAL B 264 14.46 -11.34 -0.23
N ASP B 265 13.83 -10.17 -0.39
CA ASP B 265 12.93 -10.03 -1.51
C ASP B 265 13.68 -9.12 -2.45
N LEU B 266 14.28 -9.69 -3.50
CA LEU B 266 15.13 -8.97 -4.49
C LEU B 266 14.34 -8.04 -5.44
N ALA B 267 15.04 -7.07 -6.01
CA ALA B 267 14.55 -6.17 -7.03
C ALA B 267 14.10 -7.01 -8.15
N GLY B 268 13.09 -6.61 -8.90
CA GLY B 268 12.71 -7.57 -9.92
C GLY B 268 13.80 -7.58 -10.97
N SER B 269 13.92 -8.73 -11.64
CA SER B 269 15.02 -8.96 -12.53
C SER B 269 14.85 -8.58 -13.99
N GLU B 270 13.67 -8.06 -14.40
CA GLU B 270 13.34 -7.67 -15.80
C GLU B 270 14.33 -6.68 -16.35
N ASN B 271 14.68 -6.83 -17.62
CA ASN B 271 15.47 -5.79 -18.27
C ASN B 271 14.72 -4.76 -19.14
N ILE B 288 22.23 0.94 -13.41
CA ILE B 288 21.16 1.46 -12.53
C ILE B 288 20.91 0.69 -11.24
N ASN B 289 20.92 -0.63 -11.25
CA ASN B 289 20.77 -1.32 -9.94
C ASN B 289 22.05 -2.10 -9.65
N GLN B 290 22.97 -1.42 -8.95
CA GLN B 290 24.34 -1.97 -8.66
C GLN B 290 24.26 -3.23 -7.86
N SER B 291 23.35 -3.24 -6.89
CA SER B 291 23.22 -4.45 -6.09
C SER B 291 22.75 -5.65 -6.90
N LEU B 292 21.81 -5.43 -7.82
CA LEU B 292 21.35 -6.58 -8.60
C LEU B 292 22.37 -7.00 -9.63
N LEU B 293 23.01 -6.00 -10.28
CA LEU B 293 24.12 -6.30 -11.20
C LEU B 293 25.23 -7.09 -10.47
N THR B 294 25.55 -6.67 -9.26
CA THR B 294 26.66 -7.31 -8.49
C THR B 294 26.29 -8.72 -8.02
N LEU B 295 25.03 -8.91 -7.56
CA LEU B 295 24.54 -10.26 -7.28
C LEU B 295 24.80 -11.23 -8.41
N GLY B 296 24.45 -10.81 -9.62
CA GLY B 296 24.63 -11.67 -10.80
C GLY B 296 26.10 -11.96 -11.06
N ARG B 297 26.97 -10.97 -10.78
CA ARG B 297 28.41 -11.13 -11.06
C ARG B 297 29.01 -12.00 -9.99
N VAL B 298 28.56 -11.86 -8.75
CA VAL B 298 28.93 -12.78 -7.66
C VAL B 298 28.53 -14.19 -8.00
N ILE B 299 27.27 -14.41 -8.37
CA ILE B 299 26.87 -15.76 -8.78
C ILE B 299 27.75 -16.32 -9.95
N THR B 300 27.92 -15.51 -11.01
CA THR B 300 28.77 -15.92 -12.11
C THR B 300 30.16 -16.31 -11.63
N ALA B 301 30.77 -15.51 -10.76
CA ALA B 301 32.10 -15.79 -10.25
C ALA B 301 32.18 -17.09 -9.47
N LEU B 302 31.16 -17.37 -8.68
CA LEU B 302 31.14 -18.56 -7.86
C LEU B 302 30.92 -19.88 -8.61
N VAL B 303 30.04 -19.89 -9.63
CA VAL B 303 29.86 -21.07 -10.51
C VAL B 303 31.06 -21.30 -11.46
N GLU B 304 31.60 -20.21 -12.01
CA GLU B 304 32.84 -20.30 -12.76
C GLU B 304 34.11 -20.62 -11.90
N ARG B 305 33.94 -20.74 -10.60
CA ARG B 305 35.07 -20.79 -9.66
C ARG B 305 36.22 -19.89 -10.14
N THR B 306 35.93 -18.59 -10.12
CA THR B 306 36.86 -17.51 -10.41
C THR B 306 37.33 -17.09 -9.02
N PRO B 307 38.55 -16.56 -8.88
CA PRO B 307 39.08 -16.46 -7.49
C PRO B 307 38.64 -15.22 -6.68
N HIS B 308 38.64 -14.07 -7.35
CA HIS B 308 38.05 -12.87 -6.80
C HIS B 308 36.51 -12.95 -7.01
N VAL B 309 35.76 -12.93 -5.92
CA VAL B 309 34.30 -12.80 -5.97
C VAL B 309 33.91 -11.37 -5.58
N PRO B 310 33.26 -10.63 -6.47
CA PRO B 310 33.10 -9.17 -6.19
C PRO B 310 32.08 -8.69 -5.12
N TYR B 311 32.04 -9.29 -3.92
CA TYR B 311 31.10 -8.87 -2.84
C TYR B 311 31.04 -7.41 -2.54
N ARG B 312 32.21 -6.82 -2.48
CA ARG B 312 32.36 -5.50 -2.01
C ARG B 312 31.82 -4.50 -3.03
N GLU B 313 31.52 -4.90 -4.26
CA GLU B 313 30.95 -3.95 -5.23
C GLU B 313 29.48 -3.52 -4.98
N SER B 314 28.82 -4.02 -3.93
CA SER B 314 27.51 -3.47 -3.64
C SER B 314 27.18 -3.72 -2.22
N LYS B 315 26.18 -2.98 -1.77
CA LYS B 315 25.68 -3.11 -0.44
C LYS B 315 25.03 -4.44 -0.23
N LEU B 316 24.19 -4.89 -1.15
CA LEU B 316 23.51 -6.16 -1.06
C LEU B 316 24.48 -7.31 -0.82
N THR B 317 25.49 -7.37 -1.67
CA THR B 317 26.43 -8.50 -1.67
C THR B 317 27.42 -8.41 -0.50
N ARG B 318 27.66 -7.20 0.03
CA ARG B 318 28.43 -7.07 1.26
C ARG B 318 27.62 -7.58 2.44
N ILE B 319 26.39 -7.11 2.54
CA ILE B 319 25.52 -7.56 3.59
C ILE B 319 25.31 -9.11 3.54
N LEU B 320 25.10 -9.66 2.36
CA LEU B 320 24.72 -11.02 2.23
C LEU B 320 25.82 -11.95 1.76
N GLN B 321 27.07 -11.50 1.86
CA GLN B 321 28.27 -12.24 1.57
C GLN B 321 28.34 -13.70 2.09
N ASP B 322 28.10 -13.90 3.38
CA ASP B 322 28.07 -15.27 3.92
C ASP B 322 27.04 -16.24 3.23
N SER B 323 25.97 -15.66 2.66
CA SER B 323 24.93 -16.36 1.96
C SER B 323 25.28 -16.82 0.54
N LEU B 324 26.39 -16.30 0.00
CA LEU B 324 26.76 -16.68 -1.35
C LEU B 324 28.22 -17.20 -1.39
N GLY B 325 28.40 -18.53 -1.27
CA GLY B 325 29.73 -19.18 -1.21
C GLY B 325 30.35 -19.20 0.17
N GLY B 326 29.53 -18.92 1.18
CA GLY B 326 29.99 -18.83 2.58
C GLY B 326 29.35 -19.95 3.37
N ARG B 327 29.05 -19.71 4.64
CA ARG B 327 28.68 -20.76 5.58
C ARG B 327 27.20 -20.73 5.98
N THR B 328 26.39 -19.98 5.23
CA THR B 328 24.95 -19.94 5.44
C THR B 328 24.29 -20.96 4.49
N ARG B 329 23.23 -21.62 4.96
CA ARG B 329 22.48 -22.57 4.15
C ARG B 329 21.53 -21.68 3.31
N THR B 330 21.63 -21.76 1.97
CA THR B 330 20.95 -20.79 1.07
C THR B 330 19.97 -21.46 0.10
N SER B 331 18.76 -20.88 -0.05
CA SER B 331 17.78 -21.29 -1.06
C SER B 331 17.36 -20.12 -1.91
N ILE B 332 17.12 -20.40 -3.17
CA ILE B 332 16.50 -19.45 -4.07
C ILE B 332 15.18 -19.96 -4.55
N ILE B 333 14.14 -19.16 -4.34
CA ILE B 333 12.85 -19.36 -5.04
C ILE B 333 12.84 -18.48 -6.30
N ALA B 334 12.94 -19.05 -7.49
CA ALA B 334 12.82 -18.29 -8.73
C ALA B 334 11.33 -18.30 -9.11
N THR B 335 10.75 -17.11 -9.14
CA THR B 335 9.33 -16.93 -9.45
C THR B 335 9.16 -16.62 -10.91
N ILE B 336 8.17 -17.28 -11.50
CA ILE B 336 7.89 -17.12 -12.95
C ILE B 336 6.41 -16.88 -13.28
N SER B 337 6.15 -16.51 -14.54
CA SER B 337 4.82 -16.25 -15.11
C SER B 337 4.30 -17.39 -16.00
N PRO B 338 2.95 -17.70 -15.95
CA PRO B 338 2.35 -18.64 -16.91
C PRO B 338 2.17 -18.03 -18.35
N ALA B 339 2.12 -16.69 -18.46
CA ALA B 339 1.66 -15.92 -19.65
C ALA B 339 2.69 -15.86 -20.80
N SER B 340 2.24 -15.99 -22.06
CA SER B 340 3.14 -16.11 -23.22
C SER B 340 3.99 -14.85 -23.35
N LEU B 341 3.38 -13.76 -22.93
CA LEU B 341 3.82 -12.38 -22.99
C LEU B 341 5.12 -12.15 -22.24
N ASN B 342 5.25 -12.85 -21.12
CA ASN B 342 6.46 -12.86 -20.26
C ASN B 342 7.43 -13.97 -20.60
N LEU B 343 7.27 -14.59 -21.79
CA LEU B 343 8.18 -15.70 -22.19
C LEU B 343 9.73 -15.43 -22.05
N GLU B 344 10.25 -14.36 -22.66
CA GLU B 344 11.71 -14.10 -22.57
C GLU B 344 12.21 -13.86 -21.12
N GLU B 345 11.42 -13.20 -20.29
CA GLU B 345 11.87 -12.91 -18.93
C GLU B 345 11.77 -14.17 -18.01
N THR B 346 10.77 -15.01 -18.28
CA THR B 346 10.67 -16.32 -17.67
C THR B 346 11.87 -17.21 -17.97
N LEU B 347 12.30 -17.21 -19.25
CA LEU B 347 13.45 -17.99 -19.67
C LEU B 347 14.69 -17.38 -19.09
N SER B 348 14.75 -16.07 -19.07
CA SER B 348 15.89 -15.43 -18.44
C SER B 348 15.99 -15.85 -16.91
N THR B 349 14.87 -15.87 -16.19
CA THR B 349 14.83 -16.30 -14.81
C THR B 349 15.25 -17.73 -14.63
N LEU B 350 14.62 -18.63 -15.39
CA LEU B 350 15.02 -20.06 -15.31
C LEU B 350 16.50 -20.28 -15.59
N GLU B 351 17.08 -19.59 -16.59
CA GLU B 351 18.53 -19.82 -16.82
C GLU B 351 19.41 -19.22 -15.72
N TYR B 352 19.03 -18.03 -15.21
CA TYR B 352 19.77 -17.49 -14.04
C TYR B 352 19.73 -18.42 -12.82
N ALA B 353 18.50 -18.79 -12.44
CA ALA B 353 18.29 -19.79 -11.40
C ALA B 353 19.04 -21.14 -11.65
N HIS B 354 18.91 -21.69 -12.85
CA HIS B 354 19.53 -22.99 -13.16
C HIS B 354 21.02 -22.98 -12.91
N ARG B 355 21.70 -21.92 -13.34
CA ARG B 355 23.14 -21.72 -13.11
C ARG B 355 23.48 -21.70 -11.64
N ALA B 356 22.63 -21.01 -10.87
CA ALA B 356 22.87 -20.82 -9.42
C ALA B 356 22.97 -22.12 -8.64
N LYS B 357 22.33 -23.19 -9.15
CA LYS B 357 22.40 -24.52 -8.51
C LYS B 357 23.84 -24.99 -8.22
N ASN B 358 24.76 -24.74 -9.14
CA ASN B 358 26.20 -25.08 -8.97
C ASN B 358 26.97 -24.43 -7.81
N ILE B 359 26.37 -23.52 -7.05
CA ILE B 359 27.12 -22.81 -5.99
C ILE B 359 27.24 -23.63 -4.72
N LEU B 360 28.47 -23.69 -4.20
CA LEU B 360 28.76 -24.43 -2.98
C LEU B 360 28.85 -23.61 -1.70
N ASN B 361 27.94 -23.87 -0.78
CA ASN B 361 27.93 -23.22 0.55
C ASN B 361 28.37 -24.23 1.61
N LYS B 362 28.96 -23.76 2.70
CA LYS B 362 29.42 -24.66 3.77
C LYS B 362 28.62 -24.43 5.06
#